data_4K7P
#
_entry.id   4K7P
#
_cell.length_a   90.917
_cell.length_b   109.099
_cell.length_c   119.037
_cell.angle_alpha   90.00
_cell.angle_beta   90.00
_cell.angle_gamma   90.00
#
_symmetry.space_group_name_H-M   'P 21 21 21'
#
loop_
_entity.id
_entity.type
_entity.pdbx_description
1 polymer 'antibody rhumAb6 Fab fragment light chain'
2 polymer 'antibody rhumAb6 Fab fragment heavy chain'
3 polymer 'antibody 10C4 Fab fragment heavy chain'
4 polymer 'antibody 10C4 Fab fragment light chain'
#
loop_
_entity_poly.entity_id
_entity_poly.type
_entity_poly.pdbx_seq_one_letter_code
_entity_poly.pdbx_strand_id
1 'polypeptide(L)'
;DIQMTQSPSSLSASVGDRVTITCRASSSVSYLHWYQQKPGKAPKPLIYAPSNLASGVPSRFSGSGSGTDFTLTISSLQPE
DFATYYCQQWAFNPPTFGQGTKVEIKRTVAAPSVFIFPPSDEQLKSGTASVVCLLNNFYPREAKVQWKVDNALQSGNSQE
SVTEQDSKDSTYSLSSTLTLSKADYEKHKVYACEVTHQGLSSPVTKSFNRGEC
;
X
2 'polypeptide(L)'
;EVQLVESGGGLVQPGGSLRLSCAASGYTFTSYNMHWVRQAPGKGLEWVGAIYPGNGATSYNQKFKGRFTISVDKSKNTLY
LQMNSLRAEDTAVYYCARVVYYSASYWYFDVWGQGTLVTVSSASTKGPSVFPLAPSSKSTSGGTAALGCLVKDYFPEPVT
VSWNSGALTSGVHTFPAVLQSSGLYSLSSVVTVPSSSLGTQTYICNVNHKPSNTKVDKKVEPKSCDKTHT
;
Y
3 'polypeptide(L)'
;QIQLVQSGPELKKPGETVKISCKASGYTFTNFGMNWVKQAPGKGLKWMGWINTYTGEPTYSDDFKGRFALSLETSASTAY
LQIDNLKNEDMGTYFCAREGNLWGNYANWFFDVWGAGTTLTVSSASTKGPSVYPLAPSSGGTGALGCLVKDYFPEPVTVS
WNSALTSGVHTFPAVLQSSGLYSLSSVVTVPSSSAGTQSYICNVNHAPSNTKVDKKVDPKSCDKTH
;
H
4 'polypeptide(L)'
;DIQMTQSPASLSASVGETVTITCRASENIYSYLAWYQQKQGKSPQLLVYNAKTLAEGVPSRFSGSGSGTQFSLKINNLQP
EDFGSYYCQHHYVTPVTFGAGTKLDLKRTVAAPSVFIFPPSDEQLKSGTASVVCLLNNFYPREAKVQWKVDNALQSGNSQ
ESVTEQDSKDSTYSLSSTLTLSKADYEKHKVYACEVTHQGLSSPVTKSFNRGEC
;
L
#
# COMPACT_ATOMS: atom_id res chain seq x y z
N ASP A 1 1.22 -8.60 -24.08
CA ASP A 1 -0.11 -9.22 -23.78
C ASP A 1 -1.24 -8.21 -23.92
N ILE A 2 -2.43 -8.61 -23.50
CA ILE A 2 -3.62 -7.77 -23.62
C ILE A 2 -4.29 -7.57 -22.27
N GLN A 3 -4.50 -6.32 -21.90
CA GLN A 3 -5.12 -6.00 -20.61
C GLN A 3 -6.63 -5.96 -20.74
N MET A 4 -7.30 -6.76 -19.90
CA MET A 4 -8.75 -6.67 -19.76
C MET A 4 -9.04 -5.74 -18.60
N THR A 5 -9.35 -4.48 -18.91
CA THR A 5 -9.71 -3.51 -17.88
C THR A 5 -11.20 -3.60 -17.64
N GLN A 6 -11.56 -4.13 -16.48
CA GLN A 6 -12.95 -4.39 -16.15
C GLN A 6 -13.52 -3.26 -15.30
N SER A 7 -14.81 -2.97 -15.48
CA SER A 7 -15.45 -1.85 -14.79
C SER A 7 -16.92 -2.15 -14.44
N PRO A 8 -17.34 -1.82 -13.21
CA PRO A 8 -16.55 -1.23 -12.13
C PRO A 8 -15.83 -2.29 -11.31
N SER A 9 -15.04 -1.86 -10.33
CA SER A 9 -14.33 -2.79 -9.43
C SER A 9 -15.33 -3.61 -8.62
N SER A 10 -16.39 -2.95 -8.15
CA SER A 10 -17.47 -3.59 -7.42
C SER A 10 -18.78 -2.84 -7.64
N LEU A 11 -19.88 -3.42 -7.16
CA LEU A 11 -21.20 -2.80 -7.26
C LEU A 11 -22.24 -3.54 -6.40
N SER A 12 -23.27 -2.81 -6.00
CA SER A 12 -24.39 -3.38 -5.26
C SER A 12 -25.70 -3.01 -5.94
N ALA A 13 -26.64 -3.95 -5.93
CA ALA A 13 -27.96 -3.73 -6.54
C ALA A 13 -29.03 -4.58 -5.89
N SER A 14 -30.26 -4.05 -5.88
CA SER A 14 -31.40 -4.72 -5.29
C SER A 14 -31.83 -5.91 -6.14
N VAL A 15 -32.56 -6.84 -5.53
CA VAL A 15 -33.14 -7.97 -6.25
C VAL A 15 -34.13 -7.45 -7.28
N GLY A 16 -33.94 -7.87 -8.53
CA GLY A 16 -34.81 -7.44 -9.62
C GLY A 16 -34.18 -6.40 -10.51
N ASP A 17 -33.07 -5.82 -10.06
CA ASP A 17 -32.37 -4.78 -10.82
C ASP A 17 -31.72 -5.33 -12.09
N ARG A 18 -31.48 -4.42 -13.04
CA ARG A 18 -30.77 -4.73 -14.27
C ARG A 18 -29.31 -4.29 -14.12
N VAL A 19 -28.41 -5.27 -14.07
CA VAL A 19 -27.00 -5.00 -13.77
C VAL A 19 -26.13 -5.17 -15.00
N THR A 20 -25.35 -4.13 -15.33
CA THR A 20 -24.41 -4.20 -16.44
C THR A 20 -22.96 -4.08 -15.96
N ILE A 21 -22.12 -5.01 -16.41
CA ILE A 21 -20.69 -4.96 -16.12
C ILE A 21 -19.93 -4.75 -17.43
N THR A 22 -19.07 -3.73 -17.44
CA THR A 22 -18.25 -3.41 -18.59
C THR A 22 -16.87 -4.08 -18.51
N CYS A 23 -16.34 -4.47 -19.67
CA CYS A 23 -14.96 -4.93 -19.79
C CYS A 23 -14.35 -4.29 -21.03
N ARG A 24 -13.07 -3.96 -20.98
CA ARG A 24 -12.42 -3.25 -22.08
C ARG A 24 -11.09 -3.87 -22.49
N ALA A 25 -10.95 -4.12 -23.78
CA ALA A 25 -9.77 -4.77 -24.34
C ALA A 25 -8.76 -3.76 -24.88
N SER A 26 -7.48 -4.06 -24.72
CA SER A 26 -6.41 -3.19 -25.21
C SER A 26 -6.28 -3.28 -26.72
N SER A 27 -6.80 -4.36 -27.30
CA SER A 27 -6.84 -4.52 -28.75
C SER A 27 -8.22 -5.01 -29.21
N SER A 28 -8.55 -4.73 -30.47
CA SER A 28 -9.82 -5.14 -31.04
C SER A 28 -9.95 -6.67 -31.07
N VAL A 29 -11.00 -7.17 -30.42
CA VAL A 29 -11.33 -8.59 -30.43
C VAL A 29 -12.80 -8.75 -30.83
N SER A 30 -13.18 -9.94 -31.31
CA SER A 30 -14.55 -10.16 -31.79
C SER A 30 -15.55 -10.46 -30.67
N TYR A 31 -15.19 -11.40 -29.79
CA TYR A 31 -16.04 -11.69 -28.63
C TYR A 31 -15.24 -11.97 -27.35
N LEU A 32 -15.91 -11.82 -26.22
CA LEU A 32 -15.34 -12.15 -24.93
C LEU A 32 -16.10 -13.31 -24.28
N HIS A 33 -15.47 -13.95 -23.31
CA HIS A 33 -16.16 -14.91 -22.46
C HIS A 33 -16.38 -14.29 -21.10
N TRP A 34 -17.34 -14.85 -20.36
CA TRP A 34 -17.60 -14.41 -18.99
C TRP A 34 -17.64 -15.57 -18.03
N TYR A 35 -17.04 -15.38 -16.86
CA TYR A 35 -17.01 -16.43 -15.83
C TYR A 35 -17.55 -15.91 -14.51
N GLN A 36 -18.15 -16.80 -13.73
CA GLN A 36 -18.72 -16.45 -12.45
C GLN A 36 -18.05 -17.26 -11.34
N GLN A 37 -17.29 -16.57 -10.49
CA GLN A 37 -16.64 -17.23 -9.36
C GLN A 37 -17.33 -16.93 -8.04
N LYS A 38 -18.02 -17.94 -7.52
CA LYS A 38 -18.60 -17.89 -6.18
C LYS A 38 -17.48 -18.05 -5.15
N PRO A 39 -17.62 -17.40 -3.97
CA PRO A 39 -16.62 -17.43 -2.91
C PRO A 39 -16.21 -18.85 -2.53
N GLY A 40 -14.90 -19.05 -2.35
CA GLY A 40 -14.35 -20.35 -1.96
C GLY A 40 -14.50 -21.45 -2.99
N LYS A 41 -14.65 -21.06 -4.26
CA LYS A 41 -14.80 -22.02 -5.34
C LYS A 41 -14.06 -21.54 -6.60
N ALA A 42 -13.93 -22.44 -7.57
CA ALA A 42 -13.29 -22.13 -8.84
C ALA A 42 -14.20 -21.23 -9.71
N PRO A 43 -13.59 -20.48 -10.64
CA PRO A 43 -14.38 -19.80 -11.66
C PRO A 43 -15.26 -20.79 -12.43
N LYS A 44 -16.50 -20.37 -12.69
CA LYS A 44 -17.46 -21.18 -13.42
C LYS A 44 -17.77 -20.49 -14.73
N PRO A 45 -17.82 -21.26 -15.84
CA PRO A 45 -18.23 -20.67 -17.12
C PRO A 45 -19.62 -20.06 -17.01
N LEU A 46 -19.78 -18.84 -17.52
CA LEU A 46 -21.04 -18.12 -17.40
C LEU A 46 -21.64 -17.86 -18.79
N ILE A 47 -20.85 -17.22 -19.64
CA ILE A 47 -21.19 -17.02 -21.05
C ILE A 47 -19.96 -17.27 -21.90
N TYR A 48 -20.13 -18.05 -22.96
CA TYR A 48 -19.05 -18.21 -23.94
C TYR A 48 -19.45 -17.74 -25.33
N ALA A 49 -18.49 -17.13 -26.02
CA ALA A 49 -18.68 -16.48 -27.32
C ALA A 49 -19.52 -17.30 -28.28
N PRO A 50 -20.42 -16.63 -29.03
CA PRO A 50 -20.65 -15.19 -28.98
C PRO A 50 -21.43 -14.76 -27.74
N SER A 51 -22.49 -15.50 -27.40
CA SER A 51 -23.25 -15.26 -26.17
C SER A 51 -24.07 -16.48 -25.73
N ASN A 52 -23.47 -17.66 -25.85
CA ASN A 52 -24.09 -18.90 -25.41
C ASN A 52 -23.94 -19.05 -23.92
N LEU A 53 -25.01 -19.41 -23.23
CA LEU A 53 -24.95 -19.57 -21.78
C LEU A 53 -24.49 -20.96 -21.39
N ALA A 54 -23.57 -21.03 -20.45
CA ALA A 54 -22.99 -22.29 -19.99
C ALA A 54 -23.99 -23.14 -19.20
N SER A 55 -23.59 -24.35 -18.83
CA SER A 55 -24.48 -25.30 -18.18
C SER A 55 -24.92 -24.83 -16.79
N GLY A 56 -26.23 -24.88 -16.55
CA GLY A 56 -26.81 -24.42 -15.30
C GLY A 56 -27.10 -22.93 -15.28
N VAL A 57 -26.45 -22.19 -16.19
CA VAL A 57 -26.61 -20.74 -16.29
C VAL A 57 -28.03 -20.40 -16.77
N PRO A 58 -28.75 -19.58 -15.98
CA PRO A 58 -30.10 -19.14 -16.31
C PRO A 58 -30.09 -18.16 -17.47
N SER A 59 -31.27 -17.89 -18.02
CA SER A 59 -31.40 -17.03 -19.21
C SER A 59 -31.23 -15.53 -18.93
N ARG A 60 -31.01 -15.16 -17.66
CA ARG A 60 -30.89 -13.75 -17.29
C ARG A 60 -29.51 -13.17 -17.56
N PHE A 61 -28.63 -13.96 -18.16
CA PHE A 61 -27.26 -13.54 -18.45
C PHE A 61 -27.00 -13.42 -19.94
N SER A 62 -26.44 -12.27 -20.36
CA SER A 62 -26.21 -11.98 -21.78
C SER A 62 -24.89 -11.23 -21.99
N GLY A 63 -24.19 -11.58 -23.07
CA GLY A 63 -22.93 -10.92 -23.42
C GLY A 63 -22.99 -10.15 -24.73
N SER A 64 -22.66 -8.86 -24.67
CA SER A 64 -22.68 -7.99 -25.85
C SER A 64 -21.41 -7.14 -25.96
N GLY A 65 -21.22 -6.54 -27.13
CA GLY A 65 -20.04 -5.70 -27.38
C GLY A 65 -19.41 -5.99 -28.72
N SER A 66 -18.69 -5.01 -29.27
CA SER A 66 -18.17 -5.10 -30.63
C SER A 66 -16.66 -4.92 -30.75
N GLY A 67 -16.19 -3.69 -30.60
CA GLY A 67 -14.79 -3.35 -30.83
C GLY A 67 -13.88 -3.74 -29.68
N THR A 68 -13.86 -2.89 -28.65
CA THR A 68 -13.07 -3.14 -27.45
C THR A 68 -13.94 -3.07 -26.21
N ASP A 69 -15.15 -2.57 -26.37
CA ASP A 69 -16.04 -2.36 -25.23
C ASP A 69 -17.17 -3.38 -25.20
N PHE A 70 -17.12 -4.27 -24.22
CA PHE A 70 -18.09 -5.34 -24.09
C PHE A 70 -18.86 -5.22 -22.77
N THR A 71 -19.94 -5.99 -22.65
CA THR A 71 -20.82 -5.90 -21.50
C THR A 71 -21.39 -7.25 -21.09
N LEU A 72 -21.50 -7.47 -19.78
CA LEU A 72 -22.27 -8.57 -19.24
C LEU A 72 -23.54 -7.94 -18.69
N THR A 73 -24.69 -8.46 -19.07
CA THR A 73 -25.95 -7.95 -18.54
C THR A 73 -26.71 -9.01 -17.75
N ILE A 74 -26.97 -8.71 -16.48
CA ILE A 74 -27.85 -9.52 -15.66
C ILE A 74 -29.19 -8.80 -15.61
N SER A 75 -30.16 -9.31 -16.37
CA SER A 75 -31.45 -8.67 -16.55
C SER A 75 -32.22 -8.49 -15.23
N SER A 76 -32.25 -9.55 -14.42
CA SER A 76 -32.98 -9.55 -13.15
C SER A 76 -32.14 -10.18 -12.06
N LEU A 77 -31.56 -9.36 -11.20
CA LEU A 77 -30.61 -9.84 -10.20
C LEU A 77 -31.28 -10.66 -9.10
N GLN A 78 -30.70 -11.83 -8.83
CA GLN A 78 -31.17 -12.72 -7.76
C GLN A 78 -30.13 -12.81 -6.65
N PRO A 79 -30.56 -13.12 -5.41
CA PRO A 79 -29.68 -13.22 -4.25
C PRO A 79 -28.46 -14.12 -4.45
N GLU A 80 -28.60 -15.13 -5.30
CA GLU A 80 -27.52 -16.08 -5.56
C GLU A 80 -26.62 -15.66 -6.72
N ASP A 81 -26.76 -14.42 -7.15
CA ASP A 81 -25.91 -13.88 -8.21
C ASP A 81 -24.71 -13.15 -7.61
N PHE A 82 -24.65 -13.08 -6.28
CA PHE A 82 -23.50 -12.53 -5.58
C PHE A 82 -22.27 -13.34 -5.91
N ALA A 83 -21.28 -12.68 -6.51
CA ALA A 83 -20.03 -13.33 -6.92
C ALA A 83 -19.10 -12.33 -7.61
N THR A 84 -17.92 -12.80 -7.96
CA THR A 84 -16.99 -12.04 -8.79
C THR A 84 -17.13 -12.52 -10.23
N TYR A 85 -17.29 -11.57 -11.14
CA TYR A 85 -17.44 -11.89 -12.56
C TYR A 85 -16.19 -11.51 -13.34
N TYR A 86 -15.69 -12.43 -14.15
CA TYR A 86 -14.47 -12.22 -14.92
C TYR A 86 -14.74 -12.30 -16.42
N CYS A 87 -14.34 -11.26 -17.15
CA CYS A 87 -14.35 -11.32 -18.61
C CYS A 87 -13.05 -11.98 -19.05
N GLN A 88 -13.08 -12.69 -20.18
CA GLN A 88 -11.87 -13.30 -20.73
C GLN A 88 -11.74 -13.06 -22.22
N GLN A 89 -10.52 -12.75 -22.64
CA GLN A 89 -10.17 -12.72 -24.06
C GLN A 89 -9.55 -14.07 -24.44
N TRP A 90 -9.69 -14.47 -25.69
CA TRP A 90 -9.23 -15.79 -26.14
C TRP A 90 -8.63 -15.78 -27.53
N ALA A 91 -8.68 -14.63 -28.20
CA ALA A 91 -8.11 -14.50 -29.54
C ALA A 91 -6.59 -14.49 -29.52
N PHE A 92 -6.01 -13.86 -28.50
CA PHE A 92 -4.56 -13.66 -28.43
C PHE A 92 -3.87 -14.63 -27.46
N ASN A 93 -2.55 -14.76 -27.62
CA ASN A 93 -1.70 -15.46 -26.68
C ASN A 93 -0.85 -14.49 -25.86
N PRO A 94 -0.92 -14.58 -24.53
CA PRO A 94 -1.66 -15.57 -23.78
C PRO A 94 -3.12 -15.16 -23.57
N PRO A 95 -3.98 -16.11 -23.16
CA PRO A 95 -5.33 -15.79 -22.73
C PRO A 95 -5.26 -14.88 -21.51
N THR A 96 -6.04 -13.81 -21.49
CA THR A 96 -6.06 -12.90 -20.34
C THR A 96 -7.46 -12.66 -19.81
N PHE A 97 -7.55 -12.39 -18.51
CA PHE A 97 -8.82 -12.09 -17.86
C PHE A 97 -8.84 -10.65 -17.36
N GLY A 98 -10.02 -10.20 -16.94
CA GLY A 98 -10.16 -8.93 -16.24
C GLY A 98 -9.88 -9.14 -14.76
N GLN A 99 -9.68 -8.05 -14.02
CA GLN A 99 -9.33 -8.13 -12.61
C GLN A 99 -10.53 -8.55 -11.74
N GLY A 100 -11.73 -8.43 -12.31
CA GLY A 100 -12.94 -8.88 -11.63
C GLY A 100 -13.88 -7.76 -11.24
N THR A 101 -15.16 -8.12 -11.10
CA THR A 101 -16.19 -7.19 -10.67
C THR A 101 -17.04 -7.88 -9.61
N LYS A 102 -16.89 -7.43 -8.37
CA LYS A 102 -17.59 -8.01 -7.23
C LYS A 102 -19.04 -7.49 -7.23
N VAL A 103 -20.00 -8.40 -7.14
CA VAL A 103 -21.42 -8.01 -7.17
C VAL A 103 -22.12 -8.34 -5.85
N GLU A 104 -22.53 -7.30 -5.13
CA GLU A 104 -23.27 -7.48 -3.88
C GLU A 104 -24.78 -7.35 -4.09
N ILE A 105 -25.54 -8.05 -3.28
CA ILE A 105 -26.99 -7.93 -3.27
C ILE A 105 -27.41 -6.90 -2.23
N LYS A 106 -28.33 -6.03 -2.62
CA LYS A 106 -28.83 -4.99 -1.72
C LYS A 106 -30.24 -5.33 -1.24
N ARG A 107 -30.36 -5.55 0.06
CA ARG A 107 -31.64 -5.93 0.68
C ARG A 107 -31.98 -4.99 1.83
N THR A 108 -33.14 -5.20 2.45
CA THR A 108 -33.57 -4.37 3.57
C THR A 108 -32.58 -4.48 4.72
N VAL A 109 -32.44 -3.40 5.48
CA VAL A 109 -31.52 -3.36 6.62
C VAL A 109 -31.90 -4.43 7.64
N ALA A 110 -30.90 -5.21 8.06
CA ALA A 110 -31.11 -6.26 9.05
C ALA A 110 -30.16 -6.08 10.22
N ALA A 111 -30.73 -6.09 11.43
CA ALA A 111 -29.95 -5.92 12.65
C ALA A 111 -29.20 -7.21 13.02
N PRO A 112 -28.01 -7.07 13.62
CA PRO A 112 -27.20 -8.22 14.00
C PRO A 112 -27.65 -8.83 15.31
N SER A 113 -27.55 -10.16 15.42
CA SER A 113 -27.76 -10.85 16.70
C SER A 113 -26.41 -11.07 17.37
N VAL A 114 -26.21 -10.44 18.51
CA VAL A 114 -24.90 -10.39 19.16
C VAL A 114 -24.75 -11.45 20.25
N PHE A 115 -23.73 -12.30 20.10
CA PHE A 115 -23.44 -13.33 21.09
C PHE A 115 -22.00 -13.20 21.56
N ILE A 116 -21.78 -13.37 22.86
CA ILE A 116 -20.43 -13.36 23.42
C ILE A 116 -20.03 -14.74 23.98
N PHE A 117 -18.79 -15.12 23.71
CA PHE A 117 -18.26 -16.39 24.17
C PHE A 117 -17.00 -16.18 25.01
N PRO A 118 -17.05 -16.59 26.30
CA PRO A 118 -15.88 -16.52 27.16
C PRO A 118 -14.81 -17.51 26.70
N PRO A 119 -13.56 -17.36 27.18
CA PRO A 119 -12.54 -18.36 26.92
C PRO A 119 -12.89 -19.69 27.58
N SER A 120 -12.74 -20.79 26.84
CA SER A 120 -12.98 -22.11 27.38
C SER A 120 -11.92 -22.46 28.41
N ASP A 121 -12.33 -23.15 29.47
CA ASP A 121 -11.40 -23.56 30.53
C ASP A 121 -10.27 -24.43 30.00
N GLU A 122 -10.56 -25.17 28.92
CA GLU A 122 -9.56 -25.96 28.21
C GLU A 122 -8.45 -25.06 27.66
N GLN A 123 -8.84 -23.89 27.17
CA GLN A 123 -7.89 -22.94 26.58
C GLN A 123 -7.05 -22.21 27.62
N LEU A 124 -7.66 -21.84 28.75
CA LEU A 124 -6.92 -21.17 29.82
C LEU A 124 -5.76 -22.02 30.31
N LYS A 125 -5.93 -23.34 30.25
CA LYS A 125 -4.89 -24.29 30.62
C LYS A 125 -3.66 -24.13 29.71
N SER A 126 -3.88 -23.78 28.45
CA SER A 126 -2.80 -23.56 27.50
C SER A 126 -2.05 -22.26 27.81
N GLY A 127 -2.66 -21.38 28.59
CA GLY A 127 -2.03 -20.15 29.03
C GLY A 127 -2.45 -18.93 28.24
N THR A 128 -3.54 -19.05 27.48
CA THR A 128 -4.05 -17.96 26.65
C THR A 128 -5.58 -17.91 26.69
N ALA A 129 -6.10 -16.69 26.63
CA ALA A 129 -7.54 -16.46 26.66
C ALA A 129 -8.02 -15.77 25.40
N SER A 130 -9.02 -16.37 24.75
CA SER A 130 -9.64 -15.78 23.58
C SER A 130 -11.13 -15.56 23.78
N VAL A 131 -11.53 -14.29 23.83
CA VAL A 131 -12.92 -13.92 23.95
C VAL A 131 -13.48 -13.64 22.56
N VAL A 132 -14.57 -14.32 22.21
CA VAL A 132 -15.16 -14.20 20.89
C VAL A 132 -16.51 -13.51 20.97
N CYS A 133 -16.66 -12.47 20.16
CA CYS A 133 -17.96 -11.82 19.99
C CYS A 133 -18.50 -12.14 18.60
N LEU A 134 -19.79 -12.42 18.53
CA LEU A 134 -20.42 -12.87 17.29
C LEU A 134 -21.57 -11.96 16.88
N LEU A 135 -21.56 -11.55 15.62
CA LEU A 135 -22.63 -10.76 15.02
C LEU A 135 -23.24 -11.58 13.89
N ASN A 136 -24.52 -11.92 14.01
CA ASN A 136 -25.12 -12.90 13.11
C ASN A 136 -26.21 -12.38 12.18
N ASN A 137 -26.10 -12.76 10.91
CA ASN A 137 -27.08 -12.44 9.86
C ASN A 137 -27.58 -10.99 9.88
N PHE A 138 -26.74 -10.09 9.36
CA PHE A 138 -27.06 -8.67 9.36
C PHE A 138 -26.74 -8.02 8.01
N TYR A 139 -27.39 -6.89 7.75
CA TYR A 139 -27.12 -6.10 6.56
C TYR A 139 -27.35 -4.63 6.88
N PRO A 140 -26.47 -3.74 6.38
CA PRO A 140 -25.34 -4.02 5.51
C PRO A 140 -24.09 -4.51 6.23
N ARG A 141 -23.01 -4.63 5.47
CA ARG A 141 -21.74 -5.15 5.97
C ARG A 141 -21.13 -4.27 7.06
N GLU A 142 -21.40 -2.97 6.99
CA GLU A 142 -20.76 -1.99 7.87
C GLU A 142 -21.24 -2.14 9.32
N ALA A 143 -20.30 -2.44 10.20
CA ALA A 143 -20.57 -2.58 11.64
C ALA A 143 -19.31 -2.32 12.44
N LYS A 144 -19.45 -1.67 13.59
CA LYS A 144 -18.32 -1.42 14.46
C LYS A 144 -18.41 -2.21 15.76
N VAL A 145 -17.33 -2.90 16.11
CA VAL A 145 -17.28 -3.71 17.32
C VAL A 145 -16.19 -3.18 18.25
N GLN A 146 -16.58 -2.81 19.47
CA GLN A 146 -15.64 -2.27 20.45
C GLN A 146 -15.55 -3.11 21.70
N TRP A 147 -14.32 -3.35 22.14
CA TRP A 147 -14.07 -4.15 23.33
C TRP A 147 -13.84 -3.30 24.56
N LYS A 148 -14.69 -3.51 25.56
CA LYS A 148 -14.51 -2.89 26.86
C LYS A 148 -14.08 -3.96 27.83
N VAL A 149 -13.00 -3.70 28.56
CA VAL A 149 -12.57 -4.58 29.63
C VAL A 149 -12.44 -3.74 30.88
N ASP A 150 -13.33 -3.97 31.84
CA ASP A 150 -13.47 -3.12 33.02
C ASP A 150 -13.55 -1.64 32.60
N ASN A 151 -14.45 -1.37 31.65
CA ASN A 151 -14.74 -0.02 31.15
C ASN A 151 -13.58 0.68 30.44
N ALA A 152 -12.54 -0.08 30.08
CA ALA A 152 -11.44 0.44 29.29
C ALA A 152 -11.53 -0.07 27.86
N LEU A 153 -11.44 0.85 26.91
CA LEU A 153 -11.53 0.52 25.49
C LEU A 153 -10.25 -0.15 25.02
N GLN A 154 -10.41 -1.24 24.27
CA GLN A 154 -9.28 -2.07 23.85
C GLN A 154 -8.83 -1.74 22.43
N SER A 155 -7.52 -1.75 22.22
CA SER A 155 -6.92 -1.44 20.91
C SER A 155 -5.68 -2.30 20.63
N GLY A 156 -5.67 -2.97 19.49
CA GLY A 156 -4.52 -3.76 19.04
C GLY A 156 -4.41 -5.13 19.68
N ASN A 157 -5.52 -5.66 20.17
CA ASN A 157 -5.58 -6.98 20.79
C ASN A 157 -6.82 -7.78 20.41
N SER A 158 -7.42 -7.43 19.27
CA SER A 158 -8.58 -8.14 18.74
C SER A 158 -8.57 -8.19 17.22
N GLN A 159 -9.21 -9.20 16.65
CA GLN A 159 -9.28 -9.35 15.20
C GLN A 159 -10.70 -9.62 14.72
N GLU A 160 -11.02 -9.11 13.53
CA GLU A 160 -12.34 -9.31 12.94
C GLU A 160 -12.27 -10.18 11.70
N SER A 161 -13.34 -10.95 11.46
CA SER A 161 -13.46 -11.77 10.27
C SER A 161 -14.89 -11.70 9.76
N VAL A 162 -15.04 -11.44 8.47
CA VAL A 162 -16.35 -11.23 7.88
C VAL A 162 -16.73 -12.32 6.88
N THR A 163 -17.92 -12.87 7.03
CA THR A 163 -18.47 -13.85 6.10
C THR A 163 -18.87 -13.19 4.78
N GLU A 164 -18.62 -13.87 3.67
CA GLU A 164 -19.08 -13.43 2.36
C GLU A 164 -20.61 -13.54 2.27
N GLN A 165 -21.23 -12.54 1.67
CA GLN A 165 -22.69 -12.44 1.59
C GLN A 165 -23.37 -13.78 1.32
N ASP A 166 -24.38 -14.09 2.13
CA ASP A 166 -25.15 -15.32 1.98
C ASP A 166 -25.88 -15.35 0.64
N SER A 167 -26.04 -16.56 0.09
CA SER A 167 -26.67 -16.73 -1.21
C SER A 167 -28.20 -16.78 -1.13
N LYS A 168 -28.73 -17.01 0.08
CA LYS A 168 -30.17 -17.06 0.30
C LYS A 168 -30.74 -15.73 0.78
N ASP A 169 -30.31 -15.28 1.96
CA ASP A 169 -30.88 -14.08 2.58
C ASP A 169 -30.01 -12.83 2.40
N SER A 170 -28.90 -12.98 1.67
CA SER A 170 -28.02 -11.87 1.34
C SER A 170 -27.52 -11.07 2.56
N THR A 171 -27.19 -11.79 3.63
CA THR A 171 -26.70 -11.15 4.85
C THR A 171 -25.27 -11.57 5.19
N TYR A 172 -24.59 -10.76 5.99
CA TYR A 172 -23.23 -11.04 6.42
C TYR A 172 -23.20 -11.49 7.88
N SER A 173 -22.06 -12.02 8.31
CA SER A 173 -21.81 -12.30 9.72
C SER A 173 -20.39 -11.91 10.10
N LEU A 174 -20.26 -11.35 11.30
CA LEU A 174 -19.00 -10.79 11.77
C LEU A 174 -18.58 -11.48 13.06
N SER A 175 -17.29 -11.76 13.18
CA SER A 175 -16.72 -12.26 14.44
C SER A 175 -15.58 -11.36 14.88
N SER A 176 -15.44 -11.19 16.18
CA SER A 176 -14.31 -10.45 16.74
C SER A 176 -13.73 -11.20 17.94
N THR A 177 -12.43 -11.50 17.87
CA THR A 177 -11.78 -12.24 18.93
C THR A 177 -10.78 -11.39 19.68
N LEU A 178 -11.13 -11.03 20.91
CA LEU A 178 -10.21 -10.36 21.81
C LEU A 178 -9.28 -11.41 22.39
N THR A 179 -7.97 -11.16 22.30
CA THR A 179 -6.97 -12.14 22.69
C THR A 179 -6.05 -11.62 23.81
N LEU A 180 -6.11 -12.27 24.96
CA LEU A 180 -5.28 -11.91 26.11
C LEU A 180 -4.48 -13.12 26.59
N SER A 181 -3.47 -12.86 27.43
CA SER A 181 -2.79 -13.94 28.14
C SER A 181 -3.62 -14.32 29.37
N LYS A 182 -3.57 -15.58 29.75
CA LYS A 182 -4.28 -16.05 30.95
C LYS A 182 -4.01 -15.11 32.12
N ALA A 183 -2.77 -14.64 32.23
CA ALA A 183 -2.34 -13.74 33.30
C ALA A 183 -3.08 -12.40 33.25
N ASP A 184 -3.07 -11.76 32.09
CA ASP A 184 -3.71 -10.47 31.90
C ASP A 184 -5.23 -10.58 32.01
N TYR A 185 -5.78 -11.64 31.42
CA TYR A 185 -7.22 -11.93 31.46
C TYR A 185 -7.71 -12.18 32.89
N GLU A 186 -6.84 -12.79 33.70
CA GLU A 186 -7.17 -13.12 35.08
C GLU A 186 -7.24 -11.85 35.94
N LYS A 187 -6.86 -10.72 35.36
CA LYS A 187 -6.77 -9.46 36.11
C LYS A 187 -7.98 -8.56 35.97
N HIS A 188 -8.99 -8.98 35.20
CA HIS A 188 -10.18 -8.16 34.97
C HIS A 188 -11.46 -8.93 35.16
N LYS A 189 -12.54 -8.20 35.43
CA LYS A 189 -13.83 -8.82 35.76
C LYS A 189 -14.82 -8.83 34.60
N VAL A 190 -15.19 -7.66 34.10
CA VAL A 190 -16.24 -7.54 33.10
C VAL A 190 -15.67 -7.41 31.69
N TYR A 191 -16.11 -8.31 30.81
CA TYR A 191 -15.70 -8.27 29.40
C TYR A 191 -16.89 -7.95 28.51
N ALA A 192 -16.84 -6.77 27.90
CA ALA A 192 -17.95 -6.26 27.12
C ALA A 192 -17.62 -6.16 25.62
N CYS A 193 -18.67 -6.26 24.82
CA CYS A 193 -18.56 -6.16 23.39
C CYS A 193 -19.68 -5.25 22.90
N GLU A 194 -19.31 -4.04 22.49
CA GLU A 194 -20.29 -3.04 22.09
C GLU A 194 -20.44 -2.96 20.57
N VAL A 195 -21.55 -3.53 20.09
CA VAL A 195 -21.84 -3.56 18.66
C VAL A 195 -22.62 -2.33 18.21
N THR A 196 -22.09 -1.64 17.21
CA THR A 196 -22.74 -0.50 16.61
C THR A 196 -23.11 -0.85 15.17
N HIS A 197 -24.40 -0.78 14.86
CA HIS A 197 -24.90 -1.10 13.52
C HIS A 197 -26.04 -0.21 13.10
N GLN A 198 -26.18 -0.02 11.78
CA GLN A 198 -27.19 0.86 11.21
C GLN A 198 -28.62 0.47 11.58
N GLY A 199 -28.92 -0.82 11.52
CA GLY A 199 -30.24 -1.33 11.86
C GLY A 199 -30.44 -1.48 13.35
N LEU A 200 -29.54 -0.86 14.11
CA LEU A 200 -29.54 -0.95 15.56
C LEU A 200 -29.58 0.47 16.13
N SER A 201 -30.77 0.89 16.57
CA SER A 201 -31.01 2.26 17.04
C SER A 201 -30.06 2.71 18.15
N SER A 202 -29.76 1.80 19.06
CA SER A 202 -28.78 2.04 20.10
C SER A 202 -27.78 0.89 20.14
N PRO A 203 -26.48 1.19 20.31
CA PRO A 203 -25.46 0.16 20.35
C PRO A 203 -25.81 -0.96 21.31
N VAL A 204 -25.65 -2.20 20.87
CA VAL A 204 -25.94 -3.37 21.70
C VAL A 204 -24.64 -3.85 22.36
N THR A 205 -24.74 -4.19 23.64
CA THR A 205 -23.60 -4.68 24.41
C THR A 205 -23.88 -6.03 25.05
N LYS A 206 -23.04 -7.01 24.74
CA LYS A 206 -23.05 -8.29 25.43
C LYS A 206 -21.85 -8.39 26.37
N SER A 207 -22.07 -8.84 27.59
CA SER A 207 -21.02 -8.87 28.61
C SER A 207 -21.09 -10.09 29.52
N PHE A 208 -19.98 -10.35 30.20
CA PHE A 208 -19.91 -11.38 31.23
C PHE A 208 -18.86 -11.03 32.27
N ASN A 209 -19.03 -11.56 33.47
CA ASN A 209 -18.01 -11.44 34.52
C ASN A 209 -17.19 -12.72 34.55
N ARG A 210 -15.87 -12.58 34.61
CA ARG A 210 -14.95 -13.72 34.54
C ARG A 210 -15.43 -14.90 35.41
N GLY A 211 -15.89 -15.96 34.74
CA GLY A 211 -16.40 -17.15 35.43
C GLY A 211 -17.70 -16.91 36.21
N GLU A 212 -18.81 -16.79 35.48
CA GLU A 212 -20.10 -16.46 36.09
C GLU A 212 -21.23 -17.27 35.45
N CYS A 213 -21.06 -18.59 35.39
CA CYS A 213 -22.04 -19.46 34.73
C CYS A 213 -23.27 -19.75 35.58
N GLU B 1 -19.73 -38.07 -15.27
CA GLU B 1 -19.45 -36.63 -15.00
C GLU B 1 -17.95 -36.34 -15.09
N VAL B 2 -17.61 -35.26 -15.80
CA VAL B 2 -16.23 -34.79 -15.90
C VAL B 2 -15.76 -34.24 -14.55
N GLN B 3 -14.68 -34.81 -14.02
CA GLN B 3 -14.16 -34.41 -12.73
C GLN B 3 -12.66 -34.19 -12.74
N LEU B 4 -12.24 -33.01 -12.29
CA LEU B 4 -10.84 -32.66 -12.18
C LEU B 4 -10.45 -32.46 -10.72
N VAL B 5 -9.55 -33.31 -10.24
CA VAL B 5 -9.10 -33.29 -8.85
C VAL B 5 -7.63 -32.90 -8.77
N GLU B 6 -7.35 -31.87 -7.98
CA GLU B 6 -6.00 -31.32 -7.88
C GLU B 6 -5.38 -31.64 -6.51
N SER B 7 -4.06 -31.78 -6.49
CA SER B 7 -3.33 -32.16 -5.28
C SER B 7 -1.88 -31.68 -5.31
N GLY B 8 -1.27 -31.62 -4.12
CA GLY B 8 0.14 -31.25 -3.99
C GLY B 8 0.39 -29.82 -3.56
N GLY B 9 -0.66 -29.13 -3.13
CA GLY B 9 -0.54 -27.78 -2.60
C GLY B 9 0.01 -27.81 -1.17
N GLY B 10 0.51 -26.68 -0.71
CA GLY B 10 0.99 -26.57 0.66
C GLY B 10 2.14 -25.61 0.86
N LEU B 11 2.87 -25.80 1.96
CA LEU B 11 3.95 -24.91 2.36
C LEU B 11 5.22 -25.18 1.54
N VAL B 12 5.88 -24.11 1.10
CA VAL B 12 7.19 -24.19 0.44
C VAL B 12 8.02 -22.98 0.81
N GLN B 13 9.27 -23.20 1.20
CA GLN B 13 10.19 -22.10 1.47
C GLN B 13 10.58 -21.42 0.16
N PRO B 14 10.83 -20.10 0.19
CA PRO B 14 11.29 -19.41 -1.02
C PRO B 14 12.53 -20.11 -1.59
N GLY B 15 12.58 -20.25 -2.91
CA GLY B 15 13.69 -20.93 -3.56
C GLY B 15 13.40 -22.42 -3.75
N GLY B 16 12.37 -22.90 -3.05
CA GLY B 16 11.97 -24.29 -3.10
C GLY B 16 11.16 -24.67 -4.34
N SER B 17 10.83 -25.95 -4.42
CA SER B 17 10.12 -26.51 -5.57
C SER B 17 8.83 -27.21 -5.15
N LEU B 18 7.92 -27.36 -6.11
CA LEU B 18 6.71 -28.15 -5.92
C LEU B 18 6.19 -28.70 -7.23
N ARG B 19 5.41 -29.78 -7.15
CA ARG B 19 4.72 -30.30 -8.32
C ARG B 19 3.25 -30.60 -8.04
N LEU B 20 2.39 -29.94 -8.80
CA LEU B 20 0.95 -30.10 -8.64
C LEU B 20 0.41 -31.15 -9.59
N SER B 21 -0.65 -31.83 -9.15
CA SER B 21 -1.26 -32.89 -9.95
C SER B 21 -2.72 -32.57 -10.23
N CYS B 22 -3.14 -32.81 -11.47
CA CYS B 22 -4.56 -32.73 -11.83
C CYS B 22 -5.00 -34.08 -12.38
N ALA B 23 -6.02 -34.68 -11.77
CA ALA B 23 -6.49 -36.02 -12.13
C ALA B 23 -7.84 -35.98 -12.83
N ALA B 24 -7.84 -36.27 -14.13
CA ALA B 24 -9.03 -36.12 -14.96
C ALA B 24 -9.77 -37.44 -15.17
N SER B 25 -11.06 -37.43 -14.86
CA SER B 25 -11.90 -38.62 -15.01
C SER B 25 -13.28 -38.27 -15.54
N GLY B 26 -13.82 -39.17 -16.37
CA GLY B 26 -15.18 -39.04 -16.88
C GLY B 26 -15.25 -38.69 -18.35
N TYR B 27 -14.08 -38.56 -18.98
CA TYR B 27 -13.98 -38.18 -20.39
C TYR B 27 -12.66 -38.68 -20.98
N THR B 28 -12.53 -38.60 -22.30
CA THR B 28 -11.33 -39.06 -22.99
C THR B 28 -10.17 -38.08 -22.78
N PHE B 29 -9.29 -38.42 -21.84
CA PHE B 29 -8.19 -37.56 -21.41
C PHE B 29 -7.41 -36.91 -22.57
N THR B 30 -7.09 -37.71 -23.59
CA THR B 30 -6.27 -37.25 -24.71
C THR B 30 -7.02 -36.40 -25.73
N SER B 31 -8.33 -36.27 -25.55
CA SER B 31 -9.18 -35.56 -26.50
C SER B 31 -9.30 -34.05 -26.21
N TYR B 32 -8.83 -33.64 -25.03
CA TYR B 32 -8.96 -32.24 -24.61
C TYR B 32 -7.63 -31.67 -24.15
N ASN B 33 -7.40 -30.39 -24.44
CA ASN B 33 -6.26 -29.67 -23.89
C ASN B 33 -6.50 -29.30 -22.44
N MET B 34 -5.45 -29.37 -21.63
CA MET B 34 -5.54 -29.05 -20.21
C MET B 34 -4.69 -27.83 -19.90
N HIS B 35 -5.21 -26.97 -19.03
CA HIS B 35 -4.52 -25.72 -18.69
C HIS B 35 -4.28 -25.57 -17.21
N TRP B 36 -3.38 -24.66 -16.86
CA TRP B 36 -3.16 -24.27 -15.48
C TRP B 36 -3.35 -22.78 -15.34
N VAL B 37 -4.27 -22.39 -14.46
CA VAL B 37 -4.53 -20.97 -14.17
C VAL B 37 -4.45 -20.75 -12.67
N ARG B 38 -3.66 -19.76 -12.26
CA ARG B 38 -3.45 -19.50 -10.85
C ARG B 38 -4.15 -18.22 -10.40
N GLN B 39 -4.49 -18.14 -9.13
CA GLN B 39 -5.18 -16.98 -8.57
C GLN B 39 -4.72 -16.66 -7.15
N ALA B 40 -3.88 -15.63 -7.02
CA ALA B 40 -3.50 -15.11 -5.72
C ALA B 40 -4.76 -14.59 -5.01
N PRO B 41 -4.87 -14.86 -3.70
CA PRO B 41 -6.09 -14.48 -2.95
C PRO B 41 -6.33 -12.97 -3.00
N GLY B 42 -7.57 -12.60 -3.26
CA GLY B 42 -7.97 -11.20 -3.37
C GLY B 42 -7.75 -10.59 -4.74
N LYS B 43 -7.14 -11.35 -5.65
CA LYS B 43 -6.79 -10.84 -6.97
C LYS B 43 -7.45 -11.63 -8.10
N GLY B 44 -7.00 -11.38 -9.33
CA GLY B 44 -7.58 -11.98 -10.53
C GLY B 44 -6.91 -13.24 -11.00
N LEU B 45 -7.24 -13.65 -12.24
CA LEU B 45 -6.80 -14.93 -12.78
C LEU B 45 -5.63 -14.78 -13.74
N GLU B 46 -4.63 -15.65 -13.57
CA GLU B 46 -3.39 -15.57 -14.32
C GLU B 46 -3.13 -16.90 -15.02
N TRP B 47 -2.97 -16.86 -16.34
CA TRP B 47 -2.76 -18.07 -17.13
C TRP B 47 -1.31 -18.49 -17.10
N VAL B 48 -1.07 -19.74 -16.75
CA VAL B 48 0.31 -20.24 -16.63
C VAL B 48 0.75 -20.91 -17.92
N GLY B 49 0.02 -21.96 -18.31
CA GLY B 49 0.34 -22.70 -19.52
C GLY B 49 -0.69 -23.76 -19.83
N ALA B 50 -0.40 -24.56 -20.86
CA ALA B 50 -1.30 -25.63 -21.30
C ALA B 50 -0.54 -26.74 -22.00
N ILE B 51 -1.13 -27.93 -22.01
CA ILE B 51 -0.57 -29.10 -22.68
C ILE B 51 -1.66 -29.89 -23.42
N TYR B 52 -1.31 -30.46 -24.57
CA TYR B 52 -2.21 -31.39 -25.25
C TYR B 52 -1.80 -32.81 -24.91
N PRO B 53 -2.55 -33.47 -24.01
CA PRO B 53 -2.30 -34.83 -23.55
C PRO B 53 -2.12 -35.83 -24.71
N GLY B 54 -2.81 -35.58 -25.82
CA GLY B 54 -2.73 -36.42 -27.00
C GLY B 54 -1.32 -36.65 -27.52
N ASN B 55 -0.51 -35.59 -27.55
CA ASN B 55 0.86 -35.67 -28.04
C ASN B 55 1.90 -34.96 -27.16
N GLY B 56 1.43 -34.41 -26.04
CA GLY B 56 2.33 -33.77 -25.07
C GLY B 56 2.76 -32.37 -25.44
N ALA B 57 2.22 -31.84 -26.55
CA ALA B 57 2.56 -30.50 -27.00
C ALA B 57 2.15 -29.45 -25.96
N THR B 58 3.12 -28.65 -25.53
CA THR B 58 2.89 -27.65 -24.48
C THR B 58 2.89 -26.23 -25.03
N SER B 59 2.37 -25.32 -24.22
CA SER B 59 2.43 -23.89 -24.47
C SER B 59 2.47 -23.21 -23.11
N TYR B 60 3.40 -22.28 -22.93
CA TYR B 60 3.55 -21.60 -21.66
C TYR B 60 3.37 -20.08 -21.78
N ASN B 61 3.00 -19.45 -20.66
CA ASN B 61 3.01 -18.00 -20.58
C ASN B 61 4.45 -17.53 -20.50
N GLN B 62 4.77 -16.49 -21.27
CA GLN B 62 6.14 -15.94 -21.35
C GLN B 62 6.73 -15.70 -19.97
N LYS B 63 5.87 -15.32 -19.03
CA LYS B 63 6.29 -14.98 -17.68
C LYS B 63 6.61 -16.21 -16.82
N PHE B 64 6.29 -17.40 -17.33
CA PHE B 64 6.58 -18.62 -16.59
C PHE B 64 7.51 -19.57 -17.34
N LYS B 65 7.81 -19.26 -18.60
CA LYS B 65 8.76 -20.05 -19.39
C LYS B 65 10.12 -20.07 -18.70
N GLY B 66 10.47 -21.20 -18.10
CA GLY B 66 11.73 -21.35 -17.38
C GLY B 66 11.56 -21.95 -15.99
N ARG B 67 10.76 -21.27 -15.16
CA ARG B 67 10.52 -21.74 -13.79
C ARG B 67 9.39 -22.76 -13.71
N PHE B 68 8.44 -22.67 -14.63
CA PHE B 68 7.25 -23.52 -14.62
C PHE B 68 7.24 -24.45 -15.81
N THR B 69 6.80 -25.68 -15.57
CA THR B 69 6.84 -26.75 -16.58
C THR B 69 5.64 -27.68 -16.41
N ILE B 70 4.97 -27.97 -17.52
CA ILE B 70 3.81 -28.84 -17.53
C ILE B 70 4.17 -30.19 -18.16
N SER B 71 3.53 -31.26 -17.67
CA SER B 71 3.77 -32.61 -18.17
C SER B 71 2.54 -33.50 -18.03
N VAL B 72 2.61 -34.69 -18.63
CA VAL B 72 1.48 -35.60 -18.70
C VAL B 72 1.90 -37.04 -18.47
N ASP B 73 1.09 -37.76 -17.70
CA ASP B 73 1.18 -39.22 -17.63
C ASP B 73 -0.12 -39.79 -18.17
N LYS B 74 -0.11 -40.15 -19.47
CA LYS B 74 -1.31 -40.55 -20.18
C LYS B 74 -2.04 -41.71 -19.50
N SER B 75 -1.29 -42.71 -19.07
CA SER B 75 -1.86 -43.93 -18.49
C SER B 75 -2.58 -43.71 -17.15
N LYS B 76 -2.19 -42.65 -16.43
CA LYS B 76 -2.83 -42.32 -15.16
C LYS B 76 -3.81 -41.16 -15.27
N ASN B 77 -4.02 -40.66 -16.48
CA ASN B 77 -4.88 -39.51 -16.74
C ASN B 77 -4.52 -38.29 -15.89
N THR B 78 -3.23 -38.13 -15.62
CA THR B 78 -2.79 -37.08 -14.71
C THR B 78 -1.96 -36.02 -15.42
N LEU B 79 -2.26 -34.78 -15.08
CA LEU B 79 -1.58 -33.60 -15.58
C LEU B 79 -0.76 -33.02 -14.43
N TYR B 80 0.41 -32.48 -14.74
CA TYR B 80 1.33 -32.02 -13.70
C TYR B 80 1.86 -30.61 -13.93
N LEU B 81 2.05 -29.86 -12.83
CA LEU B 81 2.70 -28.56 -12.89
C LEU B 81 3.94 -28.53 -12.00
N GLN B 82 5.10 -28.27 -12.61
CA GLN B 82 6.36 -28.25 -11.90
C GLN B 82 6.80 -26.82 -11.67
N MET B 83 6.82 -26.42 -10.40
CA MET B 83 7.14 -25.06 -10.03
C MET B 83 8.49 -24.99 -9.34
N ASN B 84 9.47 -24.36 -10.01
CA ASN B 84 10.83 -24.26 -9.50
C ASN B 84 11.22 -22.87 -9.03
N SER B 85 12.18 -22.81 -8.11
CA SER B 85 12.75 -21.55 -7.61
C SER B 85 11.67 -20.56 -7.18
N LEU B 86 10.67 -21.08 -6.47
CA LEU B 86 9.49 -20.30 -6.05
C LEU B 86 9.85 -19.03 -5.29
N ARG B 87 9.04 -18.00 -5.49
CA ARG B 87 9.21 -16.72 -4.80
C ARG B 87 7.95 -16.40 -3.99
N ALA B 88 8.05 -15.37 -3.14
CA ALA B 88 6.96 -15.03 -2.22
C ALA B 88 5.66 -14.68 -2.94
N GLU B 89 5.78 -14.05 -4.11
CA GLU B 89 4.62 -13.63 -4.91
C GLU B 89 3.89 -14.80 -5.57
N ASP B 90 4.45 -16.00 -5.45
CA ASP B 90 3.89 -17.18 -6.11
C ASP B 90 2.77 -17.84 -5.31
N THR B 91 2.59 -17.42 -4.06
CA THR B 91 1.47 -17.87 -3.25
C THR B 91 0.18 -17.62 -4.03
N ALA B 92 -0.61 -18.68 -4.23
CA ALA B 92 -1.84 -18.60 -5.00
C ALA B 92 -2.62 -19.93 -4.99
N VAL B 93 -3.88 -19.87 -5.41
CA VAL B 93 -4.66 -21.07 -5.61
C VAL B 93 -4.49 -21.47 -7.07
N TYR B 94 -3.95 -22.67 -7.29
CA TYR B 94 -3.67 -23.14 -8.64
C TYR B 94 -4.80 -24.03 -9.15
N TYR B 95 -5.36 -23.66 -10.30
CA TYR B 95 -6.46 -24.39 -10.93
C TYR B 95 -6.01 -25.08 -12.20
N CYS B 96 -6.49 -26.31 -12.42
CA CYS B 96 -6.41 -26.92 -13.74
C CYS B 96 -7.80 -26.80 -14.37
N ALA B 97 -7.84 -26.44 -15.65
CA ALA B 97 -9.10 -26.30 -16.34
C ALA B 97 -9.06 -26.98 -17.70
N ARG B 98 -10.11 -27.74 -18.02
CA ARG B 98 -10.25 -28.34 -19.33
C ARG B 98 -10.63 -27.27 -20.33
N VAL B 99 -10.22 -27.46 -21.58
CA VAL B 99 -10.55 -26.52 -22.65
C VAL B 99 -11.21 -27.26 -23.81
N VAL B 100 -12.30 -26.68 -24.32
CA VAL B 100 -13.02 -27.25 -25.45
C VAL B 100 -13.09 -26.25 -26.59
N TYR B 101 -12.70 -26.70 -27.78
CA TYR B 101 -13.01 -25.99 -29.00
C TYR B 101 -14.39 -26.43 -29.47
N TYR B 102 -15.32 -25.48 -29.61
CA TYR B 102 -16.67 -25.79 -30.07
C TYR B 102 -16.88 -25.35 -31.52
N SER B 103 -15.86 -24.68 -32.05
CA SER B 103 -15.84 -24.21 -33.42
C SER B 103 -14.39 -23.85 -33.76
N ALA B 104 -14.11 -23.62 -35.04
CA ALA B 104 -12.77 -23.20 -35.45
C ALA B 104 -12.38 -21.90 -34.74
N SER B 105 -11.26 -21.95 -34.01
CA SER B 105 -10.73 -20.83 -33.21
C SER B 105 -11.44 -20.63 -31.86
N TYR B 106 -12.72 -20.99 -31.80
CA TYR B 106 -13.53 -20.79 -30.61
C TYR B 106 -13.31 -21.89 -29.57
N TRP B 107 -12.80 -21.49 -28.41
CA TRP B 107 -12.53 -22.41 -27.31
C TRP B 107 -12.76 -21.72 -25.98
N TYR B 108 -13.12 -22.49 -24.94
CA TYR B 108 -13.30 -21.91 -23.61
C TYR B 108 -12.99 -22.87 -22.46
N PHE B 109 -12.69 -22.32 -21.29
CA PHE B 109 -12.47 -23.11 -20.08
C PHE B 109 -13.78 -23.67 -19.54
N ASP B 110 -14.13 -24.87 -19.98
CA ASP B 110 -15.45 -25.43 -19.72
C ASP B 110 -15.60 -26.13 -18.37
N VAL B 111 -14.52 -26.75 -17.90
CA VAL B 111 -14.54 -27.45 -16.61
C VAL B 111 -13.31 -27.11 -15.78
N TRP B 112 -13.54 -26.66 -14.55
CA TRP B 112 -12.46 -26.28 -13.64
C TRP B 112 -12.36 -27.23 -12.49
N GLY B 113 -11.16 -27.41 -11.97
CA GLY B 113 -10.94 -28.24 -10.78
C GLY B 113 -11.12 -27.42 -9.51
N GLN B 114 -11.07 -28.09 -8.37
CA GLN B 114 -11.30 -27.43 -7.08
C GLN B 114 -10.16 -26.49 -6.63
N GLY B 115 -8.96 -26.73 -7.17
CA GLY B 115 -7.80 -25.87 -6.88
C GLY B 115 -7.10 -26.21 -5.59
N THR B 116 -5.77 -26.25 -5.63
CA THR B 116 -4.94 -26.37 -4.42
C THR B 116 -4.18 -25.09 -4.13
N LEU B 117 -4.09 -24.75 -2.84
CA LEU B 117 -3.38 -23.56 -2.40
C LEU B 117 -1.90 -23.86 -2.18
N VAL B 118 -1.06 -23.28 -3.04
CA VAL B 118 0.38 -23.32 -2.82
C VAL B 118 0.74 -22.05 -2.08
N THR B 119 1.40 -22.21 -0.93
CA THR B 119 1.78 -21.06 -0.10
C THR B 119 3.29 -21.01 0.12
N VAL B 120 3.92 -19.95 -0.40
CA VAL B 120 5.37 -19.78 -0.29
C VAL B 120 5.70 -18.95 0.94
N SER B 121 6.35 -19.60 1.91
CA SER B 121 6.66 -18.96 3.20
C SER B 121 7.86 -19.60 3.86
N SER B 122 8.57 -18.80 4.65
CA SER B 122 9.73 -19.28 5.40
C SER B 122 9.32 -19.95 6.72
N ALA B 123 8.04 -19.80 7.08
CA ALA B 123 7.50 -20.39 8.31
C ALA B 123 7.44 -21.91 8.25
N SER B 124 7.22 -22.53 9.39
CA SER B 124 7.04 -23.98 9.48
C SER B 124 5.57 -24.35 9.59
N THR B 125 5.26 -25.61 9.31
CA THR B 125 3.90 -26.11 9.44
C THR B 125 3.51 -26.25 10.91
N LYS B 126 2.37 -25.70 11.29
CA LYS B 126 1.84 -25.87 12.63
C LYS B 126 0.38 -26.34 12.61
N GLY B 127 0.10 -27.38 13.40
CA GLY B 127 -1.24 -27.91 13.53
C GLY B 127 -2.13 -26.97 14.33
N PRO B 128 -3.45 -27.04 14.10
CA PRO B 128 -4.40 -26.16 14.77
C PRO B 128 -4.80 -26.62 16.16
N SER B 129 -4.98 -25.66 17.07
CA SER B 129 -5.60 -25.92 18.35
C SER B 129 -7.09 -25.68 18.19
N VAL B 130 -7.91 -26.57 18.76
CA VAL B 130 -9.36 -26.46 18.63
C VAL B 130 -10.06 -26.37 19.98
N PHE B 131 -10.65 -25.21 20.25
CA PHE B 131 -11.37 -24.97 21.50
C PHE B 131 -12.86 -24.75 21.24
N PRO B 132 -13.72 -25.24 22.14
CA PRO B 132 -15.17 -25.10 22.00
C PRO B 132 -15.66 -23.70 22.35
N LEU B 133 -16.76 -23.29 21.72
CA LEU B 133 -17.43 -22.04 22.07
C LEU B 133 -18.79 -22.38 22.67
N ALA B 134 -18.77 -22.68 23.96
CA ALA B 134 -19.95 -23.14 24.70
C ALA B 134 -21.13 -22.17 24.59
N PRO B 135 -22.31 -22.74 24.32
CA PRO B 135 -23.58 -22.02 24.33
C PRO B 135 -23.85 -21.74 25.78
N SER B 136 -24.81 -20.88 26.10
CA SER B 136 -25.03 -20.61 27.51
C SER B 136 -26.07 -19.55 27.76
N SER B 137 -27.23 -19.99 28.23
CA SER B 137 -28.30 -19.09 28.62
C SER B 137 -27.74 -17.76 29.14
N GLY B 142 -32.81 -16.09 21.19
CA GLY B 142 -34.16 -15.83 21.73
C GLY B 142 -34.91 -17.15 21.88
N GLY B 143 -35.33 -17.69 20.74
CA GLY B 143 -35.80 -19.07 20.66
C GLY B 143 -34.67 -19.93 20.15
N THR B 144 -33.47 -19.36 20.15
CA THR B 144 -32.28 -19.99 19.58
C THR B 144 -31.02 -19.60 20.37
N ALA B 145 -30.01 -20.47 20.31
CA ALA B 145 -28.73 -20.21 20.96
C ALA B 145 -27.57 -20.44 19.99
N ALA B 146 -26.41 -19.87 20.29
CA ALA B 146 -25.25 -20.00 19.42
C ALA B 146 -24.11 -20.78 20.08
N LEU B 147 -23.38 -21.52 19.26
CA LEU B 147 -22.25 -22.33 19.70
C LEU B 147 -21.29 -22.55 18.54
N GLY B 148 -20.02 -22.83 18.84
CA GLY B 148 -19.03 -22.99 17.79
C GLY B 148 -17.69 -23.56 18.20
N CYS B 149 -16.72 -23.45 17.28
CA CYS B 149 -15.36 -23.93 17.49
C CYS B 149 -14.33 -22.89 17.09
N LEU B 150 -13.30 -22.74 17.94
CA LEU B 150 -12.20 -21.82 17.66
C LEU B 150 -10.99 -22.58 17.13
N VAL B 151 -10.73 -22.43 15.84
CA VAL B 151 -9.61 -23.12 15.18
C VAL B 151 -8.39 -22.20 15.20
N LYS B 152 -7.70 -22.18 16.33
CA LYS B 152 -6.64 -21.20 16.59
C LYS B 152 -5.25 -21.74 16.28
N ASP B 153 -4.34 -20.81 15.93
CA ASP B 153 -2.91 -21.07 15.74
C ASP B 153 -2.59 -22.24 14.82
N TYR B 154 -2.48 -21.96 13.52
CA TYR B 154 -2.08 -22.96 12.53
C TYR B 154 -1.47 -22.31 11.30
N PHE B 155 -0.63 -23.08 10.59
CA PHE B 155 0.00 -22.62 9.36
C PHE B 155 0.43 -23.81 8.52
N PRO B 156 0.16 -23.76 7.19
CA PRO B 156 -0.55 -22.68 6.50
C PRO B 156 -2.03 -22.96 6.44
N GLU B 157 -2.70 -22.36 5.47
CA GLU B 157 -4.07 -22.73 5.15
C GLU B 157 -4.02 -23.92 4.17
N PRO B 158 -5.16 -24.59 3.96
CA PRO B 158 -6.46 -24.30 4.54
C PRO B 158 -6.84 -25.21 5.70
N VAL B 159 -7.98 -24.92 6.31
CA VAL B 159 -8.60 -25.76 7.33
C VAL B 159 -10.07 -25.95 6.92
N THR B 160 -10.58 -27.17 7.09
CA THR B 160 -11.98 -27.47 6.76
C THR B 160 -12.77 -27.80 8.02
N VAL B 161 -13.89 -27.14 8.20
CA VAL B 161 -14.75 -27.39 9.37
C VAL B 161 -16.15 -27.83 8.96
N SER B 162 -16.53 -29.03 9.38
CA SER B 162 -17.88 -29.55 9.16
C SER B 162 -18.53 -29.85 10.50
N TRP B 163 -19.85 -29.76 10.54
CA TRP B 163 -20.59 -29.98 11.78
C TRP B 163 -21.37 -31.26 11.79
N ASN B 164 -21.06 -32.11 12.77
CA ASN B 164 -21.60 -33.47 12.86
C ASN B 164 -21.34 -34.30 11.61
N SER B 165 -20.14 -34.14 11.06
CA SER B 165 -19.68 -34.86 9.86
C SER B 165 -20.58 -34.65 8.64
N GLY B 166 -21.00 -33.41 8.44
CA GLY B 166 -21.81 -33.04 7.28
C GLY B 166 -23.31 -33.20 7.48
N ALA B 167 -23.72 -33.60 8.69
CA ALA B 167 -25.14 -33.78 9.01
C ALA B 167 -25.81 -32.46 9.38
N LEU B 168 -25.01 -31.50 9.82
CA LEU B 168 -25.49 -30.17 10.19
C LEU B 168 -24.94 -29.14 9.23
N THR B 169 -25.84 -28.45 8.53
CA THR B 169 -25.43 -27.51 7.48
C THR B 169 -26.10 -26.14 7.59
N SER B 170 -27.42 -26.13 7.78
CA SER B 170 -28.18 -24.88 7.83
C SER B 170 -27.82 -24.04 9.06
N GLY B 171 -27.55 -22.75 8.82
CA GLY B 171 -27.24 -21.81 9.90
C GLY B 171 -25.82 -21.97 10.44
N VAL B 172 -24.92 -22.42 9.58
CA VAL B 172 -23.51 -22.58 9.94
C VAL B 172 -22.65 -21.55 9.22
N HIS B 173 -21.94 -20.73 9.99
CA HIS B 173 -20.99 -19.78 9.42
C HIS B 173 -19.59 -20.17 9.82
N THR B 174 -18.72 -20.32 8.82
CA THR B 174 -17.32 -20.65 9.05
C THR B 174 -16.45 -19.52 8.50
N PHE B 175 -16.02 -18.65 9.41
CA PHE B 175 -15.35 -17.40 9.06
C PHE B 175 -14.03 -17.60 8.32
N PRO B 176 -13.68 -16.64 7.45
CA PRO B 176 -12.38 -16.60 6.77
C PRO B 176 -11.23 -16.60 7.76
N ALA B 177 -10.17 -17.33 7.45
CA ALA B 177 -8.99 -17.36 8.30
C ALA B 177 -8.38 -15.97 8.39
N VAL B 178 -7.78 -15.66 9.54
CA VAL B 178 -7.09 -14.39 9.72
C VAL B 178 -5.66 -14.62 10.20
N LEU B 179 -4.71 -14.01 9.50
CA LEU B 179 -3.30 -14.08 9.88
C LEU B 179 -3.04 -13.23 11.13
N GLN B 180 -2.81 -13.90 12.25
CA GLN B 180 -2.59 -13.22 13.53
C GLN B 180 -1.22 -12.53 13.56
N SER B 181 -0.99 -11.75 14.61
CA SER B 181 0.30 -11.08 14.82
C SER B 181 1.41 -12.11 15.00
N SER B 182 1.02 -13.28 15.48
CA SER B 182 1.94 -14.40 15.70
C SER B 182 2.46 -14.97 14.39
N GLY B 183 1.81 -14.63 13.28
CA GLY B 183 2.16 -15.16 11.97
C GLY B 183 1.50 -16.50 11.72
N LEU B 184 0.55 -16.85 12.58
CA LEU B 184 -0.20 -18.08 12.43
C LEU B 184 -1.66 -17.75 12.17
N TYR B 185 -2.31 -18.58 11.34
CA TYR B 185 -3.72 -18.39 11.02
C TYR B 185 -4.63 -18.87 12.14
N SER B 186 -5.85 -18.34 12.13
CA SER B 186 -6.87 -18.71 13.10
C SER B 186 -8.24 -18.36 12.54
N LEU B 187 -9.23 -19.19 12.85
CA LEU B 187 -10.61 -18.91 12.43
C LEU B 187 -11.62 -19.52 13.40
N SER B 188 -12.90 -19.23 13.16
CA SER B 188 -13.97 -19.77 13.99
C SER B 188 -15.14 -20.24 13.14
N SER B 189 -15.79 -21.31 13.59
CA SER B 189 -16.97 -21.81 12.91
C SER B 189 -18.12 -21.86 13.91
N VAL B 190 -19.21 -21.19 13.56
CA VAL B 190 -20.35 -21.04 14.47
C VAL B 190 -21.61 -21.63 13.86
N VAL B 191 -22.54 -22.02 14.73
CA VAL B 191 -23.85 -22.52 14.32
C VAL B 191 -24.91 -22.11 15.34
N THR B 192 -26.05 -21.65 14.82
CA THR B 192 -27.19 -21.32 15.66
C THR B 192 -28.20 -22.47 15.63
N VAL B 193 -28.62 -22.92 16.82
CA VAL B 193 -29.55 -24.03 16.94
C VAL B 193 -30.69 -23.70 17.91
N PRO B 194 -31.82 -24.43 17.81
CA PRO B 194 -32.92 -24.29 18.77
C PRO B 194 -32.43 -24.51 20.21
N SER B 195 -32.89 -23.64 21.11
CA SER B 195 -32.49 -23.69 22.51
C SER B 195 -32.93 -24.98 23.20
N SER B 196 -34.05 -25.54 22.73
CA SER B 196 -34.59 -26.78 23.29
C SER B 196 -33.75 -27.99 22.91
N SER B 197 -32.99 -27.88 21.82
CA SER B 197 -32.13 -28.96 21.35
C SER B 197 -30.77 -28.96 22.05
N LEU B 198 -30.69 -28.29 23.20
CA LEU B 198 -29.49 -28.28 24.02
C LEU B 198 -29.64 -29.24 25.20
N GLY B 199 -28.63 -30.09 25.39
CA GLY B 199 -28.68 -31.09 26.46
C GLY B 199 -29.14 -32.45 25.97
N THR B 200 -29.91 -32.46 24.89
CA THR B 200 -30.42 -33.70 24.29
C THR B 200 -29.70 -34.00 22.97
N GLN B 201 -29.58 -32.97 22.12
CA GLN B 201 -28.89 -33.09 20.84
C GLN B 201 -27.41 -32.74 21.01
N THR B 202 -26.54 -33.64 20.58
CA THR B 202 -25.09 -33.45 20.70
C THR B 202 -24.52 -32.87 19.41
N TYR B 203 -23.58 -31.93 19.56
CA TYR B 203 -22.95 -31.26 18.42
C TYR B 203 -21.43 -31.38 18.46
N ILE B 204 -20.84 -31.66 17.30
CA ILE B 204 -19.40 -31.87 17.16
C ILE B 204 -18.89 -31.14 15.92
N CYS B 205 -17.76 -30.44 16.05
CA CYS B 205 -17.10 -29.85 14.89
C CYS B 205 -15.93 -30.72 14.42
N ASN B 206 -15.78 -30.84 13.11
CA ASN B 206 -14.76 -31.70 12.52
C ASN B 206 -13.72 -30.89 11.75
N VAL B 207 -12.56 -30.70 12.37
CA VAL B 207 -11.51 -29.85 11.82
C VAL B 207 -10.41 -30.68 11.17
N ASN B 208 -10.13 -30.40 9.90
CA ASN B 208 -9.08 -31.10 9.16
C ASN B 208 -8.03 -30.17 8.59
N HIS B 209 -6.81 -30.30 9.09
CA HIS B 209 -5.68 -29.55 8.57
C HIS B 209 -4.71 -30.49 7.89
N LYS B 210 -4.97 -30.74 6.61
CA LYS B 210 -4.16 -31.68 5.82
C LYS B 210 -2.66 -31.36 5.79
N PRO B 211 -2.29 -30.07 5.70
CA PRO B 211 -0.86 -29.72 5.68
C PRO B 211 -0.06 -30.23 6.88
N SER B 212 -0.76 -30.61 7.95
CA SER B 212 -0.11 -31.21 9.12
C SER B 212 -0.73 -32.54 9.49
N ASN B 213 -1.67 -33.01 8.67
CA ASN B 213 -2.39 -34.26 8.90
C ASN B 213 -3.08 -34.30 10.27
N THR B 214 -3.76 -33.21 10.60
CA THR B 214 -4.45 -33.07 11.87
C THR B 214 -5.95 -33.31 11.71
N LYS B 215 -6.47 -34.29 12.44
CA LYS B 215 -7.91 -34.53 12.50
C LYS B 215 -8.39 -34.44 13.93
N VAL B 216 -9.14 -33.38 14.24
CA VAL B 216 -9.67 -33.17 15.58
C VAL B 216 -11.19 -33.13 15.55
N ASP B 217 -11.81 -33.93 16.43
CA ASP B 217 -13.25 -33.89 16.63
C ASP B 217 -13.56 -33.32 18.00
N LYS B 218 -14.30 -32.21 18.03
CA LYS B 218 -14.56 -31.50 19.28
C LYS B 218 -16.05 -31.44 19.61
N LYS B 219 -16.42 -32.09 20.70
CA LYS B 219 -17.78 -32.05 21.23
C LYS B 219 -17.96 -30.75 22.01
N VAL B 220 -18.92 -29.92 21.58
CA VAL B 220 -19.16 -28.63 22.23
C VAL B 220 -20.31 -28.76 23.24
N GLU B 221 -19.99 -28.50 24.50
CA GLU B 221 -20.96 -28.65 25.59
C GLU B 221 -21.12 -27.36 26.39
N PRO B 222 -22.34 -27.10 26.88
CA PRO B 222 -22.60 -25.95 27.76
C PRO B 222 -22.25 -26.26 29.21
N LYS B 223 -21.80 -25.25 29.94
CA LYS B 223 -21.54 -25.38 31.37
C LYS B 223 -21.59 -24.04 32.09
N GLN C 1 -10.90 8.20 -1.00
CA GLN C 1 -10.25 8.21 0.34
C GLN C 1 -9.43 6.93 0.59
N ILE C 2 -8.36 6.79 -0.19
CA ILE C 2 -7.45 5.64 -0.09
C ILE C 2 -6.03 6.15 0.14
N GLN C 3 -5.44 5.79 1.29
CA GLN C 3 -4.16 6.37 1.68
C GLN C 3 -3.30 5.53 2.63
N LEU C 4 -2.02 5.87 2.70
CA LEU C 4 -1.09 5.24 3.61
C LEU C 4 -0.53 6.27 4.59
N VAL C 5 -0.98 6.18 5.84
CA VAL C 5 -0.50 7.07 6.90
C VAL C 5 0.64 6.40 7.64
N GLN C 6 1.79 7.06 7.68
CA GLN C 6 2.96 6.47 8.31
C GLN C 6 3.11 6.88 9.77
N SER C 7 4.33 7.24 10.16
CA SER C 7 4.70 7.43 11.54
C SER C 7 5.62 8.64 11.66
N GLY C 8 5.53 9.33 12.80
CA GLY C 8 6.30 10.55 13.04
C GLY C 8 7.79 10.37 12.82
N PRO C 9 8.50 11.49 12.52
CA PRO C 9 9.95 11.44 12.34
C PRO C 9 10.61 10.92 13.61
N GLU C 10 11.78 10.29 13.46
CA GLU C 10 12.48 9.70 14.58
C GLU C 10 13.93 10.17 14.65
N LEU C 11 14.37 10.48 15.87
CA LEU C 11 15.79 10.68 16.16
C LEU C 11 16.23 9.52 17.03
N LYS C 12 17.29 8.84 16.61
CA LYS C 12 17.77 7.65 17.32
C LYS C 12 19.30 7.61 17.42
N LYS C 13 19.79 6.95 18.45
CA LYS C 13 21.23 6.76 18.65
C LYS C 13 21.73 5.46 18.02
N PRO C 14 22.97 5.44 17.51
CA PRO C 14 23.49 4.22 16.90
C PRO C 14 23.44 3.06 17.88
N GLY C 15 23.11 1.87 17.38
CA GLY C 15 22.94 0.70 18.22
C GLY C 15 21.49 0.51 18.64
N GLU C 16 20.75 1.62 18.74
CA GLU C 16 19.34 1.56 19.11
C GLU C 16 18.49 0.98 17.98
N THR C 17 17.22 0.69 18.28
CA THR C 17 16.32 0.11 17.30
C THR C 17 15.07 0.96 17.08
N VAL C 18 14.72 1.15 15.81
CA VAL C 18 13.54 1.94 15.42
C VAL C 18 12.50 1.05 14.75
N LYS C 19 11.23 1.37 14.93
CA LYS C 19 10.13 0.63 14.31
C LYS C 19 9.09 1.55 13.67
N ILE C 20 9.18 1.72 12.36
CA ILE C 20 8.26 2.56 11.61
C ILE C 20 6.96 1.81 11.33
N SER C 21 5.85 2.53 11.38
CA SER C 21 4.53 1.97 11.07
C SER C 21 3.94 2.59 9.82
N CYS C 22 3.05 1.84 9.16
CA CYS C 22 2.41 2.30 7.94
C CYS C 22 0.97 1.80 7.90
N LYS C 23 0.04 2.61 8.40
CA LYS C 23 -1.37 2.22 8.49
C LYS C 23 -2.12 2.55 7.21
N ALA C 24 -2.71 1.51 6.61
CA ALA C 24 -3.46 1.65 5.37
C ALA C 24 -4.95 1.85 5.65
N SER C 25 -5.61 2.55 4.73
CA SER C 25 -7.05 2.79 4.82
C SER C 25 -7.63 3.01 3.43
N GLY C 26 -8.92 2.69 3.28
CA GLY C 26 -9.64 2.91 2.03
C GLY C 26 -9.57 1.78 1.02
N TYR C 27 -9.10 0.62 1.46
CA TYR C 27 -9.03 -0.58 0.62
C TYR C 27 -8.74 -1.80 1.47
N THR C 28 -8.96 -2.99 0.90
CA THR C 28 -8.66 -4.24 1.58
C THR C 28 -7.14 -4.45 1.69
N PHE C 29 -6.65 -4.29 2.91
CA PHE C 29 -5.22 -4.29 3.23
C PHE C 29 -4.47 -5.52 2.75
N THR C 30 -5.09 -6.68 2.95
CA THR C 30 -4.45 -7.97 2.71
C THR C 30 -4.56 -8.45 1.27
N ASN C 31 -4.92 -7.55 0.36
CA ASN C 31 -5.02 -7.87 -1.06
C ASN C 31 -3.95 -7.21 -1.92
N PHE C 32 -3.22 -6.29 -1.30
CA PHE C 32 -2.08 -5.64 -1.95
C PHE C 32 -0.83 -5.84 -1.11
N GLY C 33 0.28 -6.13 -1.78
CA GLY C 33 1.57 -6.24 -1.11
C GLY C 33 2.10 -4.87 -0.76
N MET C 34 2.83 -4.80 0.34
CA MET C 34 3.40 -3.54 0.81
C MET C 34 4.92 -3.56 0.64
N ASN C 35 5.46 -2.45 0.15
CA ASN C 35 6.89 -2.30 -0.09
C ASN C 35 7.48 -1.19 0.77
N TRP C 36 8.81 -1.15 0.86
CA TRP C 36 9.50 -0.06 1.52
C TRP C 36 10.64 0.46 0.68
N VAL C 37 10.74 1.78 0.60
CA VAL C 37 11.77 2.44 -0.21
C VAL C 37 12.51 3.49 0.61
N LYS C 38 13.83 3.45 0.54
CA LYS C 38 14.68 4.37 1.29
C LYS C 38 15.25 5.46 0.38
N GLN C 39 15.07 6.71 0.78
CA GLN C 39 15.65 7.84 0.09
C GLN C 39 16.57 8.61 1.03
N ALA C 40 17.78 8.89 0.55
CA ALA C 40 18.76 9.58 1.34
C ALA C 40 19.24 10.73 0.51
N PRO C 41 19.39 11.91 1.12
CA PRO C 41 19.81 13.09 0.39
C PRO C 41 20.78 12.67 -0.68
N GLY C 42 20.38 12.88 -1.94
CA GLY C 42 21.19 12.44 -3.08
C GLY C 42 21.17 11.12 -3.84
N LYS C 43 21.04 10.05 -3.07
CA LYS C 43 21.08 8.71 -3.59
C LYS C 43 19.61 8.65 -3.84
N GLY C 44 18.92 7.79 -3.13
CA GLY C 44 17.52 8.01 -3.06
C GLY C 44 16.80 7.17 -4.02
N LEU C 45 15.88 6.43 -3.45
CA LEU C 45 15.05 5.54 -4.18
C LEU C 45 15.86 4.31 -4.24
N LYS C 46 15.83 3.62 -3.13
CA LYS C 46 16.32 2.27 -3.07
C LYS C 46 15.26 1.37 -2.44
N TRP C 47 14.78 0.42 -3.22
CA TRP C 47 13.81 -0.56 -2.75
C TRP C 47 14.47 -1.49 -1.76
N MET C 48 13.86 -1.62 -0.59
CA MET C 48 14.43 -2.43 0.48
C MET C 48 13.86 -3.84 0.47
N GLY C 49 12.55 -3.93 0.34
CA GLY C 49 11.86 -5.20 0.44
C GLY C 49 10.35 -5.05 0.44
N TRP C 50 9.66 -6.16 0.19
CA TRP C 50 8.21 -6.16 0.19
C TRP C 50 7.70 -7.31 1.03
N ILE C 51 6.43 -7.22 1.43
CA ILE C 51 5.82 -8.27 2.23
C ILE C 51 4.45 -8.66 1.67
N ASN C 52 4.31 -9.95 1.38
CA ASN C 52 3.04 -10.54 1.00
C ASN C 52 2.07 -10.38 2.16
N THR C 53 0.95 -9.70 1.93
CA THR C 53 0.04 -9.36 3.02
C THR C 53 -1.00 -10.45 3.32
N TYR C 54 -1.00 -11.51 2.53
CA TYR C 54 -1.85 -12.66 2.82
C TYR C 54 -1.12 -13.67 3.72
N THR C 55 0.17 -13.88 3.47
CA THR C 55 0.97 -14.84 4.23
C THR C 55 1.81 -14.16 5.32
N GLY C 56 2.31 -12.97 5.02
CA GLY C 56 3.17 -12.25 5.95
C GLY C 56 4.64 -12.52 5.66
N GLU C 57 4.90 -13.16 4.51
CA GLU C 57 6.25 -13.50 4.09
C GLU C 57 6.97 -12.29 3.52
N PRO C 58 8.10 -11.90 4.15
CA PRO C 58 8.91 -10.78 3.70
C PRO C 58 9.93 -11.20 2.66
N THR C 59 10.47 -10.22 1.94
CA THR C 59 11.50 -10.44 0.95
C THR C 59 12.35 -9.19 0.93
N TYR C 60 13.64 -9.36 1.20
CA TYR C 60 14.54 -8.21 1.37
C TYR C 60 15.52 -8.06 0.22
N SER C 61 16.02 -6.84 0.04
CA SER C 61 17.15 -6.59 -0.84
C SER C 61 18.40 -7.09 -0.15
N ASP C 62 19.41 -7.45 -0.93
CA ASP C 62 20.69 -7.87 -0.36
C ASP C 62 21.31 -6.74 0.46
N ASP C 63 20.98 -5.50 0.08
CA ASP C 63 21.48 -4.31 0.78
C ASP C 63 20.65 -3.97 2.03
N PHE C 64 19.66 -4.81 2.34
CA PHE C 64 18.80 -4.59 3.50
C PHE C 64 18.43 -5.88 4.22
N LYS C 65 19.43 -6.72 4.46
CA LYS C 65 19.25 -7.96 5.19
C LYS C 65 19.98 -7.87 6.54
N GLY C 66 19.64 -8.78 7.45
CA GLY C 66 20.31 -8.86 8.74
C GLY C 66 19.60 -8.10 9.84
N ARG C 67 19.84 -6.80 9.90
CA ARG C 67 19.28 -5.97 10.96
C ARG C 67 17.97 -5.29 10.55
N PHE C 68 17.48 -5.64 9.37
CA PHE C 68 16.22 -5.10 8.86
C PHE C 68 15.13 -6.16 8.88
N ALA C 69 13.94 -5.79 9.35
CA ALA C 69 12.83 -6.74 9.43
C ALA C 69 11.49 -6.15 9.02
N LEU C 70 10.82 -6.85 8.10
CA LEU C 70 9.46 -6.53 7.70
C LEU C 70 8.43 -7.35 8.48
N SER C 71 7.30 -6.73 8.74
CA SER C 71 6.23 -7.35 9.51
C SER C 71 4.92 -6.60 9.28
N LEU C 72 3.83 -7.14 9.81
CA LEU C 72 2.53 -6.48 9.75
C LEU C 72 1.55 -6.96 10.80
N GLU C 73 0.58 -6.11 11.10
CA GLU C 73 -0.52 -6.44 11.99
C GLU C 73 -1.82 -6.21 11.21
N THR C 74 -2.40 -7.30 10.71
CA THR C 74 -3.52 -7.24 9.77
C THR C 74 -4.80 -6.68 10.36
N SER C 75 -4.97 -6.84 11.67
CA SER C 75 -6.12 -6.29 12.39
C SER C 75 -6.07 -4.77 12.39
N ALA C 76 -4.85 -4.24 12.47
CA ALA C 76 -4.61 -2.81 12.45
C ALA C 76 -4.36 -2.29 11.04
N SER C 77 -4.34 -3.21 10.06
CA SER C 77 -4.04 -2.88 8.67
C SER C 77 -2.78 -2.04 8.58
N THR C 78 -1.70 -2.55 9.16
CA THR C 78 -0.46 -1.80 9.30
C THR C 78 0.75 -2.68 8.96
N ALA C 79 1.67 -2.11 8.18
CA ALA C 79 2.96 -2.74 7.92
C ALA C 79 4.04 -2.04 8.74
N TYR C 80 5.02 -2.81 9.21
CA TYR C 80 6.08 -2.27 10.05
C TYR C 80 7.47 -2.51 9.48
N LEU C 81 8.30 -1.47 9.56
CA LEU C 81 9.72 -1.56 9.23
C LEU C 81 10.52 -1.37 10.52
N GLN C 82 11.27 -2.39 10.91
CA GLN C 82 12.13 -2.30 12.10
C GLN C 82 13.61 -2.40 11.73
N ILE C 83 14.39 -1.37 12.08
CA ILE C 83 15.83 -1.40 11.87
C ILE C 83 16.55 -1.60 13.21
N ASP C 84 17.38 -2.63 13.28
CA ASP C 84 18.13 -2.96 14.50
C ASP C 84 19.55 -2.41 14.45
N ASN C 85 20.18 -2.32 15.62
CA ASN C 85 21.58 -1.90 15.74
C ASN C 85 21.89 -0.78 14.77
N LEU C 86 21.19 0.33 14.93
CA LEU C 86 21.22 1.43 13.97
C LEU C 86 22.63 1.92 13.66
N LYS C 87 22.74 2.56 12.50
CA LYS C 87 24.01 3.01 11.96
C LYS C 87 23.68 4.28 11.19
N ASN C 88 24.53 5.29 11.25
CA ASN C 88 24.20 6.58 10.61
C ASN C 88 24.11 6.56 9.09
N GLU C 89 24.49 5.43 8.50
CA GLU C 89 24.23 5.17 7.10
C GLU C 89 22.74 4.92 6.89
N ASP C 90 22.03 4.73 8.00
CA ASP C 90 20.57 4.50 7.98
C ASP C 90 19.77 5.80 8.00
N MET C 91 20.46 6.94 7.96
CA MET C 91 19.80 8.23 7.83
C MET C 91 19.07 8.29 6.50
N GLY C 92 17.91 8.93 6.50
CA GLY C 92 17.12 9.08 5.30
C GLY C 92 15.65 8.81 5.55
N THR C 93 14.83 9.12 4.54
CA THR C 93 13.39 8.96 4.65
C THR C 93 12.98 7.59 4.13
N TYR C 94 12.15 6.90 4.92
CA TYR C 94 11.64 5.58 4.56
C TYR C 94 10.15 5.67 4.20
N PHE C 95 9.85 5.44 2.92
CA PHE C 95 8.47 5.42 2.45
C PHE C 95 7.92 4.01 2.46
N CYS C 96 6.62 3.90 2.75
CA CYS C 96 5.90 2.66 2.50
C CYS C 96 5.03 2.86 1.28
N ALA C 97 5.11 1.89 0.36
CA ALA C 97 4.43 2.00 -0.93
C ALA C 97 3.57 0.78 -1.14
N ARG C 98 2.44 0.96 -1.82
CA ARG C 98 1.54 -0.14 -2.13
C ARG C 98 1.81 -0.67 -3.51
N GLU C 99 1.38 -1.89 -3.78
CA GLU C 99 1.46 -2.46 -5.11
C GLU C 99 0.09 -2.29 -5.72
N GLY C 100 0.01 -1.95 -6.99
CA GLY C 100 -1.29 -1.72 -7.61
C GLY C 100 -1.73 -2.62 -8.72
N ASN C 101 -1.27 -3.86 -8.68
CA ASN C 101 -1.60 -4.81 -9.70
C ASN C 101 -2.77 -5.61 -9.20
N LEU C 102 -3.94 -5.37 -9.76
CA LEU C 102 -5.14 -5.99 -9.25
C LEU C 102 -5.38 -7.29 -9.91
N TRP C 103 -4.69 -7.49 -11.01
CA TRP C 103 -4.92 -8.61 -11.93
C TRP C 103 -4.25 -9.88 -11.49
N GLY C 104 -3.04 -9.74 -10.94
CA GLY C 104 -2.27 -10.89 -10.47
C GLY C 104 -1.08 -10.44 -9.65
N ASN C 105 -0.12 -11.34 -9.45
CA ASN C 105 1.06 -11.02 -8.65
C ASN C 105 2.37 -11.01 -9.42
N TYR C 106 2.30 -10.98 -10.74
CA TYR C 106 3.50 -11.16 -11.52
C TYR C 106 4.43 -9.96 -11.58
N ALA C 107 3.89 -8.79 -11.85
CA ALA C 107 4.71 -7.63 -11.69
C ALA C 107 3.73 -7.00 -10.76
N ASN C 108 4.20 -6.58 -9.61
CA ASN C 108 3.35 -5.91 -8.68
C ASN C 108 4.01 -4.60 -8.78
N TRP C 109 5.02 -4.46 -7.95
CA TRP C 109 6.01 -3.40 -7.91
C TRP C 109 5.95 -2.16 -8.76
N PHE C 110 4.77 -1.80 -9.23
CA PHE C 110 4.48 -0.41 -9.51
C PHE C 110 3.62 0.02 -8.35
N PHE C 111 4.02 1.10 -7.71
CA PHE C 111 3.40 1.47 -6.46
C PHE C 111 2.50 2.62 -6.76
N ASP C 112 1.20 2.37 -6.76
CA ASP C 112 0.25 3.41 -7.13
C ASP C 112 -0.07 4.34 -5.96
N VAL C 113 0.14 3.84 -4.75
CA VAL C 113 -0.14 4.62 -3.53
C VAL C 113 1.10 4.64 -2.64
N TRP C 114 1.39 5.81 -2.07
CA TRP C 114 2.55 5.98 -1.20
C TRP C 114 2.20 6.58 0.13
N GLY C 115 3.02 6.27 1.13
CA GLY C 115 2.95 6.94 2.43
C GLY C 115 3.72 8.25 2.34
N ALA C 116 3.52 9.13 3.32
CA ALA C 116 4.17 10.44 3.34
C ALA C 116 5.68 10.33 3.54
N GLY C 117 6.11 9.26 4.23
CA GLY C 117 7.51 9.05 4.51
C GLY C 117 7.82 9.31 5.97
N THR C 118 8.88 8.66 6.45
CA THR C 118 9.35 8.85 7.82
C THR C 118 10.85 9.13 7.77
N THR C 119 11.23 10.36 8.11
CA THR C 119 12.63 10.73 8.12
C THR C 119 13.30 10.30 9.42
N LEU C 120 14.33 9.47 9.28
CA LEU C 120 15.12 9.02 10.42
C LEU C 120 16.46 9.74 10.45
N THR C 121 16.82 10.27 11.60
CA THR C 121 18.14 10.86 11.80
C THR C 121 18.81 10.07 12.92
N VAL C 122 20.08 9.75 12.75
CA VAL C 122 20.74 9.07 13.82
C VAL C 122 21.87 9.87 14.35
N SER C 123 22.03 9.84 15.65
CA SER C 123 23.26 10.37 16.15
C SER C 123 23.16 10.49 17.62
N SER C 124 24.24 10.97 18.20
CA SER C 124 24.37 11.00 19.61
C SER C 124 23.99 12.33 20.14
N ALA C 125 24.34 13.39 19.41
CA ALA C 125 23.97 14.70 19.86
C ALA C 125 22.54 14.64 20.33
N SER C 126 22.20 15.54 21.23
CA SER C 126 20.88 15.58 21.80
C SER C 126 20.08 16.70 21.19
N THR C 127 18.79 16.72 21.46
CA THR C 127 17.89 17.68 20.86
C THR C 127 18.15 19.10 21.35
N LYS C 128 18.52 19.98 20.41
CA LYS C 128 18.73 21.40 20.71
C LYS C 128 17.62 22.22 20.07
N GLY C 129 16.99 23.07 20.87
CA GLY C 129 15.96 23.99 20.40
C GLY C 129 16.54 25.23 19.73
N PRO C 130 15.74 25.88 18.87
CA PRO C 130 16.24 27.00 18.07
C PRO C 130 16.29 28.31 18.83
N SER C 131 17.03 29.27 18.27
CA SER C 131 16.97 30.67 18.71
C SER C 131 16.55 31.50 17.51
N VAL C 132 15.48 32.25 17.67
CA VAL C 132 14.90 33.01 16.55
C VAL C 132 15.29 34.48 16.59
N TYR C 133 15.78 34.99 15.45
CA TYR C 133 16.24 36.37 15.36
C TYR C 133 15.62 37.12 14.19
N PRO C 134 15.08 38.33 14.46
CA PRO C 134 14.40 39.17 13.48
C PRO C 134 15.32 39.66 12.37
N LEU C 135 14.76 39.80 11.16
CA LEU C 135 15.48 40.36 10.02
C LEU C 135 14.72 41.58 9.48
N ALA C 136 14.80 42.69 10.23
CA ALA C 136 14.09 43.92 9.91
C ALA C 136 14.87 44.79 8.93
N PRO C 137 14.15 45.55 8.09
CA PRO C 137 14.75 46.28 6.98
C PRO C 137 14.63 47.80 7.12
N SER C 138 15.01 48.51 6.06
CA SER C 138 14.95 49.97 6.04
C SER C 138 15.81 50.57 4.94
N ALA C 144 10.50 43.76 3.71
CA ALA C 144 11.07 42.44 3.38
C ALA C 144 11.50 41.74 4.67
N LEU C 145 10.55 41.58 5.58
CA LEU C 145 10.81 41.03 6.92
C LEU C 145 11.21 39.56 6.91
N GLY C 146 11.97 39.15 7.92
CA GLY C 146 12.41 37.77 8.03
C GLY C 146 12.70 37.31 9.44
N CYS C 147 12.80 35.99 9.61
CA CYS C 147 13.19 35.38 10.87
C CYS C 147 14.36 34.43 10.65
N LEU C 148 15.28 34.41 11.61
CA LEU C 148 16.43 33.51 11.55
C LEU C 148 16.37 32.51 12.70
N VAL C 149 15.80 31.34 12.41
CA VAL C 149 15.77 30.24 13.37
C VAL C 149 17.09 29.49 13.29
N LYS C 150 17.87 29.57 14.36
CA LYS C 150 19.28 29.15 14.33
C LYS C 150 19.65 28.17 15.44
N ASP C 151 20.66 27.33 15.14
CA ASP C 151 21.27 26.43 16.12
C ASP C 151 20.32 25.38 16.69
N TYR C 152 19.62 24.67 15.82
CA TYR C 152 18.72 23.62 16.27
C TYR C 152 19.11 22.23 15.76
N PHE C 153 18.55 21.22 16.41
CA PHE C 153 18.74 19.83 16.02
C PHE C 153 17.67 19.00 16.71
N PRO C 154 17.09 18.05 15.99
CA PRO C 154 17.34 17.86 14.56
C PRO C 154 16.32 18.62 13.76
N GLU C 155 16.05 18.16 12.56
CA GLU C 155 14.90 18.62 11.84
C GLU C 155 13.76 17.78 12.33
N PRO C 156 12.54 18.25 12.14
CA PRO C 156 12.29 19.46 11.40
C PRO C 156 11.81 20.59 12.25
N VAL C 157 11.69 21.72 11.58
CA VAL C 157 11.15 22.93 12.18
C VAL C 157 10.11 23.53 11.24
N THR C 158 9.05 24.08 11.82
CA THR C 158 7.93 24.60 11.06
C THR C 158 7.81 26.11 11.27
N VAL C 159 7.93 26.86 10.19
CA VAL C 159 7.77 28.31 10.24
C VAL C 159 6.53 28.75 9.47
N SER C 160 5.71 29.58 10.12
CA SER C 160 4.61 30.26 9.46
C SER C 160 4.64 31.74 9.87
N TRP C 161 3.68 32.51 9.36
CA TRP C 161 3.58 33.93 9.68
C TRP C 161 2.17 34.27 10.09
N ASN C 162 2.02 34.70 11.36
CA ASN C 162 0.70 34.98 11.95
C ASN C 162 -0.29 33.82 11.83
N SER C 163 0.20 32.67 11.36
CA SER C 163 -0.59 31.46 11.09
C SER C 163 -1.63 31.61 9.97
N ALA C 164 -1.77 32.83 9.44
CA ALA C 164 -2.73 33.11 8.38
C ALA C 164 -2.21 34.17 7.41
N LEU C 165 -0.94 34.05 7.05
CA LEU C 165 -0.32 34.97 6.09
C LEU C 165 0.35 34.16 4.98
N THR C 166 -0.43 33.86 3.95
CA THR C 166 0.07 33.06 2.82
C THR C 166 0.42 33.93 1.62
N SER C 167 1.27 34.93 1.87
CA SER C 167 1.70 35.87 0.84
C SER C 167 2.89 35.29 0.07
N GLY C 168 3.90 36.12 -0.18
CA GLY C 168 5.13 35.69 -0.82
C GLY C 168 6.14 35.23 0.21
N VAL C 169 5.82 34.15 0.90
CA VAL C 169 6.69 33.57 1.94
C VAL C 169 7.80 32.72 1.31
N HIS C 170 8.98 32.82 1.90
CA HIS C 170 10.13 32.03 1.46
C HIS C 170 10.87 31.44 2.64
N THR C 171 10.42 30.28 3.08
CA THR C 171 11.13 29.50 4.09
C THR C 171 12.16 28.61 3.37
N PHE C 172 13.42 29.02 3.45
CA PHE C 172 14.51 28.32 2.78
C PHE C 172 14.81 26.96 3.44
N PRO C 173 15.44 26.04 2.70
CA PRO C 173 15.88 24.77 3.27
C PRO C 173 16.91 24.99 4.37
N ALA C 174 16.92 24.09 5.35
CA ALA C 174 17.87 24.15 6.45
C ALA C 174 19.31 23.94 5.98
N VAL C 175 20.26 24.46 6.74
CA VAL C 175 21.68 24.30 6.41
C VAL C 175 22.46 23.75 7.60
N LEU C 176 23.14 22.62 7.36
CA LEU C 176 23.98 21.99 8.37
C LEU C 176 25.29 22.76 8.51
N GLN C 177 25.49 23.37 9.67
CA GLN C 177 26.66 24.20 9.93
C GLN C 177 27.81 23.37 10.50
N SER C 178 28.99 23.98 10.56
CA SER C 178 30.18 23.34 11.13
C SER C 178 29.89 22.84 12.53
N SER C 179 28.98 23.54 13.21
CA SER C 179 28.57 23.25 14.58
C SER C 179 27.92 21.87 14.71
N GLY C 180 27.32 21.39 13.63
CA GLY C 180 26.52 20.18 13.66
C GLY C 180 25.06 20.51 13.87
N LEU C 181 24.77 21.79 14.07
CA LEU C 181 23.41 22.29 14.20
C LEU C 181 22.86 22.77 12.87
N TYR C 182 21.54 22.89 12.80
CA TYR C 182 20.89 23.45 11.61
C TYR C 182 20.55 24.92 11.80
N SER C 183 20.66 25.67 10.71
CA SER C 183 20.23 27.07 10.66
C SER C 183 19.25 27.26 9.51
N LEU C 184 18.32 28.18 9.68
CA LEU C 184 17.26 28.39 8.70
C LEU C 184 16.80 29.83 8.71
N SER C 185 16.48 30.34 7.51
CA SER C 185 15.96 31.69 7.36
C SER C 185 14.62 31.68 6.63
N SER C 186 13.63 32.33 7.22
CA SER C 186 12.32 32.44 6.60
C SER C 186 11.96 33.91 6.35
N VAL C 187 11.86 34.29 5.08
CA VAL C 187 11.60 35.67 4.69
C VAL C 187 10.22 35.80 4.03
N VAL C 188 9.57 36.94 4.24
CA VAL C 188 8.27 37.21 3.63
C VAL C 188 8.22 38.60 3.02
N THR C 189 7.75 38.69 1.77
CA THR C 189 7.62 39.97 1.08
C THR C 189 6.28 40.62 1.39
N VAL C 190 6.34 41.91 1.72
CA VAL C 190 5.15 42.71 2.01
C VAL C 190 4.87 43.69 0.86
N PRO C 191 3.83 44.55 1.00
CA PRO C 191 3.63 45.67 0.08
C PRO C 191 4.89 46.51 -0.16
N SER C 192 5.98 46.15 0.52
CA SER C 192 7.27 46.84 0.43
C SER C 192 7.07 48.37 0.43
N SER C 193 6.20 48.82 1.33
CA SER C 193 5.83 50.22 1.45
C SER C 193 5.25 50.47 2.85
N SER C 194 4.03 51.02 2.88
CA SER C 194 3.37 51.38 4.14
C SER C 194 2.85 50.16 4.91
N ALA C 195 3.45 49.01 4.67
CA ALA C 195 3.05 47.76 5.31
C ALA C 195 3.40 47.72 6.80
N GLY C 196 4.20 48.67 7.27
CA GLY C 196 4.55 48.76 8.67
C GLY C 196 3.43 49.32 9.54
N THR C 197 2.24 48.72 9.42
CA THR C 197 1.07 49.14 10.19
C THR C 197 0.45 47.98 10.98
N GLN C 198 0.44 46.80 10.37
CA GLN C 198 -0.03 45.58 11.04
C GLN C 198 1.09 44.90 11.82
N SER C 199 0.74 43.94 12.65
CA SER C 199 1.72 43.19 13.44
C SER C 199 2.21 41.97 12.67
N TYR C 200 3.53 41.83 12.59
CA TYR C 200 4.14 40.75 11.82
C TYR C 200 4.93 39.78 12.71
N ILE C 201 4.35 38.60 12.93
CA ILE C 201 4.96 37.58 13.78
C ILE C 201 5.29 36.33 12.96
N CYS C 202 6.39 35.67 13.30
CA CYS C 202 6.71 34.37 12.72
C CYS C 202 6.56 33.26 13.76
N ASN C 203 5.74 32.26 13.44
CA ASN C 203 5.50 31.13 14.34
C ASN C 203 6.48 30.01 14.06
N VAL C 204 7.38 29.76 15.01
CA VAL C 204 8.41 28.74 14.84
C VAL C 204 8.22 27.60 15.83
N ASN C 205 7.93 26.42 15.31
CA ASN C 205 7.73 25.24 16.14
C ASN C 205 8.75 24.14 15.82
N HIS C 206 9.58 23.83 16.82
CA HIS C 206 10.54 22.75 16.72
C HIS C 206 10.06 21.60 17.59
N ALA C 207 9.30 20.69 16.99
CA ALA C 207 8.65 19.61 17.71
C ALA C 207 9.56 18.77 18.62
N PRO C 208 10.76 18.38 18.13
CA PRO C 208 11.63 17.50 18.92
C PRO C 208 12.06 18.08 20.27
N SER C 209 12.18 19.41 20.36
CA SER C 209 12.57 20.06 21.61
C SER C 209 11.39 20.63 22.37
N ASN C 210 10.17 20.36 21.89
CA ASN C 210 8.93 20.92 22.45
C ASN C 210 9.03 22.42 22.66
N THR C 211 9.68 23.10 21.70
CA THR C 211 9.90 24.53 21.78
C THR C 211 9.11 25.26 20.70
N LYS C 212 8.22 26.15 21.14
CA LYS C 212 7.48 27.02 20.24
C LYS C 212 7.73 28.47 20.61
N VAL C 213 8.31 29.21 19.67
CA VAL C 213 8.67 30.60 19.90
C VAL C 213 7.94 31.52 18.91
N ASP C 214 7.45 32.64 19.42
CA ASP C 214 6.80 33.66 18.59
C ASP C 214 7.63 34.95 18.62
N LYS C 215 8.18 35.31 17.47
CA LYS C 215 9.02 36.51 17.36
C LYS C 215 8.37 37.54 16.44
N LYS C 216 8.02 38.69 17.02
CA LYS C 216 7.25 39.72 16.33
C LYS C 216 8.13 40.84 15.76
N VAL C 217 8.90 40.50 14.74
CA VAL C 217 9.81 41.44 14.05
C VAL C 217 9.25 42.86 13.95
N ASP C 218 10.02 43.83 14.43
CA ASP C 218 9.61 45.24 14.41
C ASP C 218 10.15 45.99 13.18
N ASP D 1 21.64 -7.82 -10.27
CA ASP D 1 20.26 -7.34 -10.54
C ASP D 1 20.24 -6.23 -11.61
N ILE D 2 19.02 -5.83 -12.02
CA ILE D 2 18.82 -4.89 -13.11
C ILE D 2 19.24 -3.45 -12.75
N GLN D 3 19.93 -2.79 -13.68
CA GLN D 3 20.39 -1.42 -13.50
C GLN D 3 19.60 -0.46 -14.39
N MET D 4 19.12 0.63 -13.81
CA MET D 4 18.30 1.59 -14.56
C MET D 4 19.08 2.87 -14.87
N THR D 5 19.39 3.07 -16.14
CA THR D 5 20.16 4.24 -16.58
C THR D 5 19.24 5.27 -17.25
N GLN D 6 19.21 6.47 -16.70
CA GLN D 6 18.25 7.49 -17.10
C GLN D 6 18.91 8.74 -17.66
N SER D 7 18.44 9.17 -18.83
CA SER D 7 18.95 10.38 -19.49
C SER D 7 17.84 11.41 -19.66
N PRO D 8 18.17 12.71 -19.52
CA PRO D 8 19.47 13.22 -19.08
C PRO D 8 19.48 13.43 -17.58
N ALA D 9 20.62 13.87 -17.04
CA ALA D 9 20.73 14.19 -15.63
C ALA D 9 19.68 15.23 -15.23
N SER D 10 19.64 16.33 -15.99
CA SER D 10 18.65 17.39 -15.79
C SER D 10 18.45 18.16 -17.09
N LEU D 11 17.29 18.78 -17.24
CA LEU D 11 17.00 19.56 -18.44
C LEU D 11 16.13 20.78 -18.16
N SER D 12 15.95 21.60 -19.19
CA SER D 12 15.10 22.79 -19.12
C SER D 12 14.23 22.91 -20.36
N ALA D 13 12.96 23.25 -20.17
CA ALA D 13 12.02 23.40 -21.28
C ALA D 13 10.89 24.36 -20.92
N SER D 14 10.50 25.18 -21.90
CA SER D 14 9.47 26.20 -21.73
C SER D 14 8.06 25.61 -21.67
N VAL D 15 7.10 26.41 -21.23
CA VAL D 15 5.70 26.01 -21.15
C VAL D 15 5.12 25.76 -22.53
N GLY D 16 4.54 24.57 -22.73
CA GLY D 16 3.97 24.19 -24.01
C GLY D 16 4.81 23.15 -24.73
N GLU D 17 6.12 23.38 -24.73
CA GLU D 17 7.08 22.48 -25.40
C GLU D 17 6.96 21.03 -24.94
N THR D 18 7.15 20.12 -25.88
CA THR D 18 7.15 18.69 -25.58
C THR D 18 8.51 18.24 -25.06
N VAL D 19 8.49 17.41 -24.02
CA VAL D 19 9.71 16.94 -23.37
C VAL D 19 9.80 15.42 -23.39
N THR D 20 11.03 14.90 -23.42
CA THR D 20 11.26 13.46 -23.46
C THR D 20 12.35 13.04 -22.48
N ILE D 21 12.05 12.04 -21.65
CA ILE D 21 13.03 11.44 -20.74
C ILE D 21 13.25 9.99 -21.12
N THR D 22 14.51 9.58 -21.24
CA THR D 22 14.85 8.22 -21.63
C THR D 22 15.37 7.41 -20.46
N CYS D 23 14.97 6.14 -20.40
CA CYS D 23 15.42 5.22 -19.36
C CYS D 23 15.65 3.84 -19.96
N ARG D 24 16.86 3.33 -19.84
CA ARG D 24 17.18 1.99 -20.33
C ARG D 24 17.71 1.04 -19.25
N ALA D 25 17.38 -0.24 -19.40
CA ALA D 25 17.71 -1.25 -18.41
C ALA D 25 18.88 -2.14 -18.83
N SER D 26 19.67 -2.57 -17.85
CA SER D 26 20.83 -3.42 -18.10
C SER D 26 20.43 -4.77 -18.68
N GLU D 27 19.23 -5.22 -18.33
CA GLU D 27 18.68 -6.47 -18.84
C GLU D 27 17.35 -6.19 -19.53
N ASN D 28 16.81 -7.23 -20.18
CA ASN D 28 15.49 -7.15 -20.79
C ASN D 28 14.41 -7.24 -19.72
N ILE D 29 13.53 -6.26 -19.68
CA ILE D 29 12.44 -6.21 -18.70
C ILE D 29 11.06 -6.14 -19.37
N TYR D 30 11.00 -6.58 -20.62
CA TYR D 30 9.76 -6.70 -21.38
C TYR D 30 8.94 -5.41 -21.34
N SER D 31 7.80 -5.45 -20.65
CA SER D 31 6.93 -4.27 -20.57
C SER D 31 6.88 -3.69 -19.16
N TYR D 32 7.68 -4.27 -18.26
CA TYR D 32 7.53 -3.99 -16.84
C TYR D 32 8.42 -2.84 -16.37
N LEU D 33 7.97 -1.62 -16.66
CA LEU D 33 8.67 -0.41 -16.23
C LEU D 33 7.68 0.70 -15.94
N ALA D 34 7.86 1.35 -14.78
CA ALA D 34 6.97 2.40 -14.32
C ALA D 34 7.69 3.75 -14.23
N TRP D 35 6.91 4.84 -14.23
CA TRP D 35 7.44 6.19 -14.12
C TRP D 35 6.83 6.94 -12.96
N TYR D 36 7.68 7.68 -12.22
CA TYR D 36 7.22 8.49 -11.09
C TYR D 36 7.69 9.93 -11.20
N GLN D 37 6.92 10.83 -10.60
CA GLN D 37 7.27 12.24 -10.47
C GLN D 37 7.25 12.61 -8.99
N GLN D 38 8.32 13.24 -8.51
CA GLN D 38 8.39 13.63 -7.11
C GLN D 38 8.76 15.10 -6.97
N LYS D 39 8.18 15.77 -5.98
CA LYS D 39 8.50 17.17 -5.71
C LYS D 39 9.10 17.33 -4.33
N GLN D 40 10.23 16.68 -4.10
CA GLN D 40 10.78 16.50 -2.77
C GLN D 40 10.25 17.38 -1.66
N GLY D 41 10.00 16.71 -0.55
CA GLY D 41 9.20 17.22 0.53
C GLY D 41 8.02 16.28 0.52
N LYS D 42 7.71 15.78 -0.68
CA LYS D 42 6.52 14.97 -0.86
C LYS D 42 6.93 13.56 -1.31
N SER D 43 6.01 12.61 -1.21
CA SER D 43 6.27 11.24 -1.66
C SER D 43 6.10 11.12 -3.18
N PRO D 44 6.84 10.19 -3.82
CA PRO D 44 6.73 9.98 -5.26
C PRO D 44 5.31 9.63 -5.70
N GLN D 45 4.95 10.05 -6.91
CA GLN D 45 3.63 9.75 -7.46
C GLN D 45 3.78 8.96 -8.76
N LEU D 46 2.95 7.93 -8.91
CA LEU D 46 3.00 7.07 -10.10
C LEU D 46 2.37 7.74 -11.32
N LEU D 47 3.07 7.71 -12.44
CA LEU D 47 2.57 8.29 -13.69
C LEU D 47 2.22 7.21 -14.71
N VAL D 48 3.21 6.37 -15.03
CA VAL D 48 3.04 5.30 -16.00
C VAL D 48 3.35 3.95 -15.36
N TYR D 49 2.62 2.91 -15.74
CA TYR D 49 2.99 1.55 -15.38
C TYR D 49 2.80 0.61 -16.55
N ASN D 50 3.45 -0.56 -16.48
CA ASN D 50 3.49 -1.51 -17.58
C ASN D 50 3.99 -0.86 -18.88
N ALA D 51 4.86 0.13 -18.71
CA ALA D 51 5.51 0.87 -19.81
C ALA D 51 4.60 1.87 -20.53
N LYS D 52 3.36 1.48 -20.81
CA LYS D 52 2.46 2.30 -21.63
C LYS D 52 1.22 2.82 -20.90
N THR D 53 0.74 2.08 -19.91
CA THR D 53 -0.49 2.43 -19.20
C THR D 53 -0.31 3.60 -18.23
N LEU D 54 -1.20 4.59 -18.32
CA LEU D 54 -1.27 5.68 -17.36
C LEU D 54 -1.98 5.26 -16.07
N ALA D 55 -1.62 5.88 -14.96
CA ALA D 55 -2.28 5.65 -13.68
C ALA D 55 -3.61 6.42 -13.61
N GLU D 56 -4.29 6.36 -12.47
CA GLU D 56 -5.47 7.17 -12.25
C GLU D 56 -5.09 8.63 -12.00
N GLY D 57 -5.82 9.56 -12.63
CA GLY D 57 -5.66 10.98 -12.38
C GLY D 57 -4.54 11.66 -13.14
N VAL D 58 -3.55 10.89 -13.59
CA VAL D 58 -2.43 11.43 -14.36
C VAL D 58 -2.91 11.94 -15.72
N PRO D 59 -2.61 13.21 -16.04
CA PRO D 59 -3.07 13.91 -17.25
C PRO D 59 -2.73 13.20 -18.54
N SER D 60 -3.61 13.33 -19.53
CA SER D 60 -3.47 12.66 -20.83
C SER D 60 -2.25 13.13 -21.63
N ARG D 61 -1.61 14.20 -21.19
CA ARG D 61 -0.43 14.73 -21.86
C ARG D 61 0.84 13.94 -21.51
N PHE D 62 0.74 13.08 -20.49
CA PHE D 62 1.80 12.13 -20.17
C PHE D 62 1.63 10.86 -20.99
N SER D 63 2.74 10.38 -21.56
CA SER D 63 2.73 9.15 -22.35
C SER D 63 3.99 8.32 -22.12
N GLY D 64 3.81 7.00 -22.06
CA GLY D 64 4.93 6.09 -21.87
C GLY D 64 5.13 5.20 -23.08
N SER D 65 6.33 5.24 -23.64
CA SER D 65 6.69 4.41 -24.78
C SER D 65 7.80 3.42 -24.40
N GLY D 66 7.93 2.37 -25.20
CA GLY D 66 9.07 1.47 -25.09
C GLY D 66 8.75 0.04 -24.66
N SER D 67 9.76 -0.81 -24.84
CA SER D 67 9.71 -2.20 -24.39
C SER D 67 11.12 -2.79 -24.41
N GLY D 68 11.33 -3.84 -23.62
CA GLY D 68 12.60 -4.55 -23.58
C GLY D 68 13.68 -3.85 -22.78
N THR D 69 14.55 -3.12 -23.48
CA THR D 69 15.65 -2.42 -22.84
C THR D 69 15.47 -0.90 -22.87
N GLN D 70 14.85 -0.38 -23.93
CA GLN D 70 14.68 1.05 -24.08
C GLN D 70 13.25 1.49 -23.80
N PHE D 71 13.12 2.54 -23.00
CA PHE D 71 11.82 3.10 -22.62
C PHE D 71 11.91 4.62 -22.58
N SER D 72 10.78 5.29 -22.82
CA SER D 72 10.75 6.76 -22.84
C SER D 72 9.49 7.36 -22.21
N LEU D 73 9.66 8.52 -21.58
CA LEU D 73 8.56 9.31 -21.05
C LEU D 73 8.43 10.62 -21.82
N LYS D 74 7.21 10.96 -22.23
CA LYS D 74 6.96 12.17 -23.01
C LYS D 74 5.83 13.01 -22.42
N ILE D 75 6.12 14.29 -22.20
CA ILE D 75 5.14 15.23 -21.67
C ILE D 75 4.80 16.29 -22.72
N ASN D 76 3.55 16.29 -23.17
CA ASN D 76 3.03 17.26 -24.13
C ASN D 76 2.34 18.39 -23.36
N ASN D 77 2.37 19.60 -23.94
CA ASN D 77 1.79 20.79 -23.31
C ASN D 77 2.18 20.95 -21.85
N LEU D 78 3.45 21.28 -21.66
CA LEU D 78 4.05 21.40 -20.34
C LEU D 78 3.33 22.45 -19.48
N GLN D 79 3.31 22.20 -18.17
CA GLN D 79 2.62 23.05 -17.22
C GLN D 79 3.56 23.55 -16.12
N PRO D 80 3.10 24.51 -15.31
CA PRO D 80 3.86 24.92 -14.13
C PRO D 80 4.00 23.77 -13.12
N GLU D 81 2.90 23.03 -12.91
CA GLU D 81 2.87 21.94 -11.94
C GLU D 81 3.60 20.68 -12.42
N ASP D 82 4.36 20.82 -13.51
CA ASP D 82 5.17 19.71 -14.04
C ASP D 82 6.64 19.85 -13.66
N PHE D 83 6.91 20.72 -12.69
CA PHE D 83 8.27 20.91 -12.19
C PHE D 83 8.64 19.79 -11.22
N GLY D 84 9.93 19.48 -11.16
CA GLY D 84 10.42 18.47 -10.23
C GLY D 84 11.30 17.43 -10.88
N SER D 85 11.58 16.36 -10.15
CA SER D 85 12.41 15.28 -10.66
C SER D 85 11.56 14.08 -11.06
N TYR D 86 12.04 13.31 -12.03
CA TYR D 86 11.32 12.16 -12.55
C TYR D 86 12.17 10.89 -12.46
N TYR D 87 11.54 9.81 -12.04
CA TYR D 87 12.24 8.54 -11.86
C TYR D 87 11.59 7.42 -12.66
N CYS D 88 12.43 6.57 -13.26
CA CYS D 88 11.96 5.32 -13.85
C CYS D 88 12.26 4.16 -12.91
N GLN D 89 11.54 3.05 -13.08
CA GLN D 89 11.67 1.90 -12.19
C GLN D 89 11.01 0.67 -12.81
N HIS D 90 11.72 -0.44 -12.82
CA HIS D 90 11.18 -1.68 -13.35
C HIS D 90 10.40 -2.42 -12.29
N HIS D 91 9.26 -2.98 -12.69
CA HIS D 91 8.49 -3.86 -11.81
C HIS D 91 8.48 -5.25 -12.37
N TYR D 92 9.66 -5.73 -12.75
CA TYR D 92 9.80 -7.03 -13.41
C TYR D 92 9.92 -8.16 -12.40
N VAL D 93 10.97 -8.11 -11.58
CA VAL D 93 11.19 -9.12 -10.55
C VAL D 93 11.88 -8.46 -9.36
N THR D 94 11.69 -9.07 -8.18
CA THR D 94 12.53 -8.76 -7.02
C THR D 94 13.99 -9.02 -7.41
N PRO D 95 14.87 -8.02 -7.21
CA PRO D 95 14.64 -6.72 -6.60
C PRO D 95 14.41 -5.60 -7.60
N VAL D 96 13.39 -4.86 -7.46
CA VAL D 96 13.06 -3.59 -8.09
C VAL D 96 14.23 -2.60 -7.98
N THR D 97 14.58 -1.89 -8.97
CA THR D 97 15.60 -0.85 -8.86
C THR D 97 15.17 0.42 -9.59
N PHE D 98 15.57 1.56 -9.05
CA PHE D 98 15.14 2.86 -9.56
C PHE D 98 16.18 3.51 -10.46
N GLY D 99 15.79 4.60 -11.11
CA GLY D 99 16.71 5.38 -11.92
C GLY D 99 17.38 6.45 -11.09
N ALA D 100 18.44 7.06 -11.65
CA ALA D 100 19.17 8.12 -10.97
C ALA D 100 18.30 9.38 -10.84
N GLY D 101 17.37 9.54 -11.78
CA GLY D 101 16.47 10.69 -11.79
C GLY D 101 16.81 11.75 -12.81
N THR D 102 15.82 12.59 -13.11
CA THR D 102 15.97 13.69 -14.04
C THR D 102 15.26 14.91 -13.44
N LYS D 103 15.96 16.03 -13.36
CA LYS D 103 15.40 17.24 -12.78
C LYS D 103 14.85 18.18 -13.86
N LEU D 104 13.60 18.61 -13.68
CA LEU D 104 12.94 19.50 -14.64
C LEU D 104 12.88 20.95 -14.18
N ASP D 105 13.65 21.80 -14.84
CA ASP D 105 13.56 23.24 -14.67
C ASP D 105 12.74 23.83 -15.81
N LEU D 106 11.72 24.61 -15.46
CA LEU D 106 10.91 25.29 -16.46
C LEU D 106 11.68 26.49 -17.02
N LYS D 107 11.02 27.29 -17.84
CA LYS D 107 11.65 28.48 -18.34
C LYS D 107 10.66 29.60 -18.20
N ARG D 108 10.97 30.52 -17.30
CA ARG D 108 10.32 31.80 -17.31
C ARG D 108 11.33 32.60 -18.10
N THR D 109 11.05 33.88 -18.30
CA THR D 109 12.01 34.75 -18.96
C THR D 109 12.92 35.38 -17.91
N VAL D 110 14.19 35.61 -18.25
CA VAL D 110 15.11 36.19 -17.29
C VAL D 110 14.39 37.12 -16.32
N ALA D 111 14.71 36.97 -15.04
CA ALA D 111 14.06 37.76 -13.99
C ALA D 111 15.09 38.32 -13.01
N ALA D 112 14.87 39.57 -12.61
CA ALA D 112 15.75 40.27 -11.69
C ALA D 112 15.43 39.91 -10.24
N PRO D 113 16.47 39.61 -9.44
CA PRO D 113 16.30 39.33 -8.01
C PRO D 113 16.05 40.59 -7.20
N SER D 114 15.18 40.49 -6.19
CA SER D 114 14.96 41.59 -5.25
C SER D 114 15.93 41.43 -4.09
N VAL D 115 17.07 42.10 -4.20
CA VAL D 115 18.16 41.91 -3.24
C VAL D 115 17.99 42.75 -1.96
N PHE D 116 17.97 42.05 -0.83
CA PHE D 116 17.89 42.69 0.48
C PHE D 116 19.05 42.23 1.36
N ILE D 117 19.54 43.12 2.22
CA ILE D 117 20.62 42.78 3.16
C ILE D 117 20.17 42.99 4.60
N PHE D 118 20.50 42.03 5.46
CA PHE D 118 20.08 42.08 6.85
C PHE D 118 21.26 41.96 7.81
N PRO D 119 21.55 43.05 8.54
CA PRO D 119 22.57 43.03 9.58
C PRO D 119 22.13 42.13 10.74
N PRO D 120 23.07 41.75 11.63
CA PRO D 120 22.73 40.91 12.78
C PRO D 120 21.79 41.63 13.73
N SER D 121 20.83 40.90 14.29
CA SER D 121 19.93 41.42 15.30
C SER D 121 20.70 41.70 16.60
N ASP D 122 20.24 42.71 17.34
CA ASP D 122 20.86 43.07 18.60
C ASP D 122 20.91 41.90 19.58
N GLU D 123 19.80 41.17 19.68
CA GLU D 123 19.69 40.03 20.59
C GLU D 123 20.69 38.91 20.29
N GLN D 124 20.87 38.60 18.99
CA GLN D 124 21.86 37.60 18.59
C GLN D 124 23.27 38.06 18.90
N LEU D 125 23.52 39.35 18.70
CA LEU D 125 24.81 39.95 18.98
C LEU D 125 25.08 39.95 20.48
N LYS D 126 24.00 39.98 21.26
CA LYS D 126 24.07 39.93 22.71
C LYS D 126 24.28 38.49 23.19
N SER D 127 24.05 37.52 22.30
CA SER D 127 24.34 36.12 22.61
C SER D 127 25.76 35.74 22.17
N GLY D 128 26.43 36.64 21.46
CA GLY D 128 27.84 36.48 21.13
C GLY D 128 28.16 36.11 19.69
N THR D 129 27.17 36.15 18.81
CA THR D 129 27.33 35.74 17.42
C THR D 129 26.78 36.79 16.46
N ALA D 130 27.26 36.77 15.21
CA ALA D 130 26.84 37.71 14.19
C ALA D 130 26.57 37.05 12.84
N SER D 131 25.30 36.88 12.51
CA SER D 131 24.92 36.29 11.23
C SER D 131 24.32 37.32 10.28
N VAL D 132 25.04 37.59 9.20
CA VAL D 132 24.59 38.55 8.18
C VAL D 132 23.92 37.81 7.03
N VAL D 133 22.66 38.17 6.76
CA VAL D 133 21.85 37.48 5.76
C VAL D 133 21.68 38.34 4.51
N CYS D 134 21.65 37.70 3.34
CA CYS D 134 21.43 38.39 2.07
C CYS D 134 20.34 37.68 1.26
N LEU D 135 19.24 38.40 1.01
CA LEU D 135 18.09 37.84 0.29
C LEU D 135 18.17 38.10 -1.21
N LEU D 136 17.89 37.07 -1.99
CA LEU D 136 17.79 37.17 -3.44
C LEU D 136 16.43 36.60 -3.87
N ASN D 137 15.46 37.50 -4.02
CA ASN D 137 14.07 37.10 -4.21
C ASN D 137 13.68 36.81 -5.65
N ASN D 138 12.66 35.96 -5.81
CA ASN D 138 12.04 35.62 -7.10
C ASN D 138 12.80 36.03 -8.35
N PHE D 139 13.54 35.09 -8.92
CA PHE D 139 14.34 35.35 -10.11
C PHE D 139 14.55 34.09 -10.96
N TYR D 140 15.04 34.29 -12.18
CA TYR D 140 15.37 33.21 -13.10
C TYR D 140 16.47 33.71 -14.04
N PRO D 141 17.43 32.84 -14.40
CA PRO D 141 17.56 31.42 -14.07
C PRO D 141 18.04 31.17 -12.65
N ARG D 142 18.36 29.90 -12.34
CA ARG D 142 18.83 29.51 -11.03
C ARG D 142 20.26 30.01 -10.75
N GLU D 143 21.18 29.65 -11.65
CA GLU D 143 22.61 29.97 -11.49
C GLU D 143 22.89 31.41 -11.09
N ALA D 144 23.57 31.57 -9.97
CA ALA D 144 23.84 32.88 -9.38
C ALA D 144 25.14 32.90 -8.58
N LYS D 145 25.88 34.00 -8.70
CA LYS D 145 27.10 34.21 -7.91
C LYS D 145 26.85 35.24 -6.81
N VAL D 146 27.14 34.85 -5.57
CA VAL D 146 26.99 35.73 -4.43
C VAL D 146 28.30 35.82 -3.64
N GLN D 147 28.90 37.01 -3.63
CA GLN D 147 30.16 37.24 -2.91
C GLN D 147 29.99 38.27 -1.80
N TRP D 148 30.64 38.01 -0.67
CA TRP D 148 30.60 38.91 0.47
C TRP D 148 31.84 39.77 0.55
N LYS D 149 31.64 41.08 0.66
CA LYS D 149 32.74 42.02 0.88
C LYS D 149 32.59 42.69 2.24
N VAL D 150 33.70 42.74 2.99
CA VAL D 150 33.73 43.44 4.27
C VAL D 150 34.83 44.50 4.24
N ASP D 151 34.42 45.76 4.09
CA ASP D 151 35.33 46.87 3.86
C ASP D 151 36.14 46.64 2.59
N ASN D 152 35.45 46.19 1.54
CA ASN D 152 36.06 45.84 0.26
C ASN D 152 37.06 44.68 0.34
N ALA D 153 36.79 43.72 1.22
CA ALA D 153 37.61 42.52 1.35
C ALA D 153 36.76 41.27 1.12
N LEU D 154 37.23 40.41 0.21
CA LEU D 154 36.49 39.22 -0.18
C LEU D 154 36.42 38.19 0.94
N GLN D 155 35.21 37.72 1.24
CA GLN D 155 35.00 36.74 2.29
C GLN D 155 35.09 35.31 1.74
N SER D 156 36.05 34.55 2.26
CA SER D 156 36.32 33.21 1.77
C SER D 156 35.96 32.14 2.80
N GLY D 157 35.01 31.27 2.43
CA GLY D 157 34.68 30.08 3.20
C GLY D 157 33.94 30.29 4.52
N ASN D 158 33.16 31.36 4.60
CA ASN D 158 32.36 31.66 5.78
C ASN D 158 30.89 31.91 5.44
N SER D 159 30.57 31.77 4.15
CA SER D 159 29.22 31.95 3.66
C SER D 159 28.56 30.60 3.36
N GLN D 160 27.24 30.55 3.50
CA GLN D 160 26.45 29.36 3.17
C GLN D 160 25.18 29.78 2.42
N GLU D 161 24.86 29.04 1.36
CA GLU D 161 23.71 29.37 0.51
C GLU D 161 22.58 28.34 0.64
N SER D 162 21.35 28.80 0.46
CA SER D 162 20.18 27.94 0.48
C SER D 162 19.19 28.35 -0.61
N VAL D 163 19.04 27.50 -1.63
CA VAL D 163 18.17 27.81 -2.77
C VAL D 163 16.80 27.16 -2.63
N THR D 164 15.75 27.95 -2.82
CA THR D 164 14.38 27.47 -2.69
C THR D 164 13.98 26.62 -3.90
N GLU D 165 13.01 25.73 -3.69
CA GLU D 165 12.41 24.98 -4.78
C GLU D 165 11.70 25.94 -5.74
N GLN D 166 11.70 25.60 -7.02
CA GLN D 166 11.04 26.43 -8.03
C GLN D 166 9.54 26.53 -7.73
N ASP D 167 8.98 27.70 -7.99
CA ASP D 167 7.58 27.97 -7.68
C ASP D 167 6.64 27.30 -8.68
N SER D 168 5.60 26.65 -8.15
CA SER D 168 4.59 25.99 -8.99
C SER D 168 3.61 27.00 -9.57
N LYS D 169 3.87 28.28 -9.31
CA LYS D 169 3.00 29.37 -9.75
C LYS D 169 3.72 30.22 -10.80
N ASP D 170 4.73 30.97 -10.39
CA ASP D 170 5.48 31.85 -11.29
C ASP D 170 6.81 31.27 -11.79
N SER D 171 7.18 30.11 -11.24
CA SER D 171 8.38 29.38 -11.67
C SER D 171 9.70 30.13 -11.44
N THR D 172 9.83 30.74 -10.26
CA THR D 172 11.04 31.47 -9.91
C THR D 172 11.72 30.91 -8.65
N TYR D 173 13.04 31.07 -8.59
CA TYR D 173 13.82 30.64 -7.44
C TYR D 173 14.08 31.79 -6.48
N SER D 174 14.54 31.44 -5.28
CA SER D 174 15.04 32.40 -4.31
C SER D 174 16.27 31.83 -3.61
N LEU D 175 17.23 32.69 -3.27
CA LEU D 175 18.48 32.25 -2.67
C LEU D 175 18.85 33.10 -1.45
N SER D 176 19.24 32.43 -0.38
CA SER D 176 19.63 33.09 0.86
C SER D 176 21.08 32.77 1.22
N SER D 177 21.88 33.81 1.40
CA SER D 177 23.29 33.65 1.73
C SER D 177 23.60 34.27 3.09
N THR D 178 24.27 33.49 3.94
CA THR D 178 24.59 33.94 5.30
C THR D 178 26.09 33.97 5.58
N LEU D 179 26.59 35.17 5.86
CA LEU D 179 27.98 35.35 6.31
C LEU D 179 28.02 35.21 7.83
N THR D 180 28.75 34.22 8.32
CA THR D 180 28.75 33.90 9.74
C THR D 180 30.08 34.20 10.43
N LEU D 181 30.21 35.42 10.93
CA LEU D 181 31.37 35.81 11.73
C LEU D 181 30.97 35.98 13.20
N SER D 182 31.94 36.26 14.06
CA SER D 182 31.68 36.40 15.49
C SER D 182 31.48 37.85 15.90
N LYS D 183 30.89 38.05 17.08
CA LYS D 183 30.64 39.38 17.63
C LYS D 183 31.91 40.23 17.62
N ALA D 184 33.01 39.63 18.06
CA ALA D 184 34.31 40.30 18.10
C ALA D 184 34.77 40.77 16.72
N ASP D 185 34.57 39.92 15.72
CA ASP D 185 34.99 40.21 14.34
C ASP D 185 34.12 41.30 13.73
N TYR D 186 32.81 41.21 13.97
CA TYR D 186 31.83 42.11 13.38
C TYR D 186 31.95 43.54 13.88
N GLU D 187 32.49 43.72 15.08
CA GLU D 187 32.54 45.03 15.70
C GLU D 187 33.70 45.92 15.25
N LYS D 188 34.65 45.35 14.49
CA LYS D 188 35.81 46.11 14.04
C LYS D 188 35.75 46.54 12.57
N HIS D 189 34.65 46.21 11.90
CA HIS D 189 34.45 46.61 10.50
C HIS D 189 33.12 47.30 10.34
N LYS D 190 33.04 48.19 9.34
CA LYS D 190 31.85 49.02 9.14
C LYS D 190 31.00 48.64 7.94
N VAL D 191 31.61 48.65 6.76
CA VAL D 191 30.89 48.36 5.52
C VAL D 191 30.76 46.85 5.35
N TYR D 192 29.52 46.38 5.27
CA TYR D 192 29.22 44.99 4.99
C TYR D 192 28.35 44.92 3.76
N ALA D 193 28.87 44.30 2.71
CA ALA D 193 28.24 44.32 1.39
C ALA D 193 28.00 42.93 0.83
N CYS D 194 26.92 42.80 0.07
CA CYS D 194 26.55 41.56 -0.58
C CYS D 194 26.53 41.80 -2.10
N GLU D 195 27.50 41.21 -2.80
CA GLU D 195 27.63 41.39 -4.24
C GLU D 195 26.97 40.27 -5.04
N VAL D 196 25.86 40.60 -5.71
CA VAL D 196 25.07 39.64 -6.48
C VAL D 196 25.42 39.72 -7.96
N THR D 197 25.77 38.57 -8.54
CA THR D 197 26.01 38.47 -9.97
C THR D 197 24.96 37.55 -10.59
N HIS D 198 24.26 38.06 -11.59
CA HIS D 198 23.17 37.35 -12.23
C HIS D 198 23.11 37.62 -13.72
N GLN D 199 22.57 36.67 -14.47
CA GLN D 199 22.46 36.82 -15.93
C GLN D 199 21.47 37.92 -16.31
N GLY D 200 20.45 38.11 -15.48
CA GLY D 200 19.38 39.06 -15.75
C GLY D 200 19.66 40.51 -15.38
N LEU D 201 20.95 40.85 -15.24
CA LEU D 201 21.34 42.24 -14.98
C LEU D 201 22.73 42.56 -15.55
N SER D 202 22.91 43.79 -15.98
CA SER D 202 24.14 44.24 -16.65
C SER D 202 25.36 44.20 -15.71
N SER D 203 25.47 45.21 -14.84
CA SER D 203 26.55 45.25 -13.86
C SER D 203 26.11 44.54 -12.59
N PRO D 204 27.02 43.74 -11.99
CA PRO D 204 26.71 43.04 -10.74
C PRO D 204 26.27 44.02 -9.67
N VAL D 205 25.08 43.80 -9.10
CA VAL D 205 24.53 44.73 -8.11
C VAL D 205 25.00 44.38 -6.70
N THR D 206 25.23 45.42 -5.90
CA THR D 206 25.73 45.28 -4.55
C THR D 206 24.81 46.02 -3.58
N LYS D 207 24.34 45.31 -2.56
CA LYS D 207 23.56 45.90 -1.48
C LYS D 207 24.38 45.82 -0.19
N SER D 208 24.44 46.93 0.54
CA SER D 208 25.30 47.02 1.72
C SER D 208 24.72 47.87 2.84
N PHE D 209 25.48 47.97 3.94
CA PHE D 209 25.09 48.79 5.09
C PHE D 209 26.30 49.16 5.95
N ASN D 210 26.19 50.26 6.69
CA ASN D 210 27.17 50.63 7.70
C ASN D 210 26.86 49.92 9.01
N ARG D 211 27.91 49.58 9.76
CA ARG D 211 27.77 48.73 10.95
C ARG D 211 26.77 49.24 11.98
N GLY D 212 25.89 48.34 12.43
CA GLY D 212 24.94 48.64 13.50
C GLY D 212 23.57 49.07 13.04
N GLU D 213 23.02 50.05 13.75
CA GLU D 213 21.67 50.57 13.48
C GLU D 213 21.67 51.68 12.44
N CYS D 214 22.88 52.18 12.11
CA CYS D 214 23.05 53.26 11.15
C CYS D 214 24.47 53.25 10.58
#